data_8V56
# 
_entry.id   8V56 
# 
_audit_conform.dict_name       mmcif_pdbx.dic 
_audit_conform.dict_version    5.388 
_audit_conform.dict_location   http://mmcif.pdb.org/dictionaries/ascii/mmcif_pdbx.dic 
# 
loop_
_database_2.database_id 
_database_2.database_code 
_database_2.pdbx_database_accession 
_database_2.pdbx_DOI 
PDB   8V56         pdb_00008v56 10.2210/pdb8v56/pdb 
WWPDB D_1000279502 ?            ?                   
# 
loop_
_pdbx_audit_revision_history.ordinal 
_pdbx_audit_revision_history.data_content_type 
_pdbx_audit_revision_history.major_revision 
_pdbx_audit_revision_history.minor_revision 
_pdbx_audit_revision_history.revision_date 
1 'Structure model' 1 0 2024-03-06 
2 'Structure model' 1 1 2024-03-20 
# 
_pdbx_audit_revision_details.ordinal             1 
_pdbx_audit_revision_details.revision_ordinal    1 
_pdbx_audit_revision_details.data_content_type   'Structure model' 
_pdbx_audit_revision_details.provider            repository 
_pdbx_audit_revision_details.type                'Initial release' 
_pdbx_audit_revision_details.description         ? 
_pdbx_audit_revision_details.details             ? 
# 
_pdbx_audit_revision_group.ordinal             1 
_pdbx_audit_revision_group.revision_ordinal    2 
_pdbx_audit_revision_group.data_content_type   'Structure model' 
_pdbx_audit_revision_group.group               'Database references' 
# 
_pdbx_audit_revision_category.ordinal             1 
_pdbx_audit_revision_category.revision_ordinal    2 
_pdbx_audit_revision_category.data_content_type   'Structure model' 
_pdbx_audit_revision_category.category            citation 
# 
loop_
_pdbx_audit_revision_item.ordinal 
_pdbx_audit_revision_item.revision_ordinal 
_pdbx_audit_revision_item.data_content_type 
_pdbx_audit_revision_item.item 
1 2 'Structure model' '_citation.journal_volume' 
2 2 'Structure model' '_citation.page_first'     
3 2 'Structure model' '_citation.page_last'      
# 
_pdbx_database_status.status_code                     REL 
_pdbx_database_status.status_code_sf                  REL 
_pdbx_database_status.status_code_mr                  ? 
_pdbx_database_status.entry_id                        8V56 
_pdbx_database_status.recvd_initial_deposition_date   2023-11-30 
_pdbx_database_status.SG_entry                        N 
_pdbx_database_status.deposit_site                    RCSB 
_pdbx_database_status.process_site                    RCSB 
_pdbx_database_status.status_code_cs                  ? 
_pdbx_database_status.status_code_nmr_data            ? 
_pdbx_database_status.methods_development_category    ? 
_pdbx_database_status.pdb_format_compatible           Y 
# 
_pdbx_contact_author.id                 2 
_pdbx_contact_author.email              andyn@uic.edu 
_pdbx_contact_author.name_first         Andy 
_pdbx_contact_author.name_last          Nguyen 
_pdbx_contact_author.name_mi            I 
_pdbx_contact_author.role               'principal investigator/group leader' 
_pdbx_contact_author.identifier_ORCID   0000-0003-4137-6453 
# 
_audit_author.name               'Heinz-Kunert, S.L.' 
_audit_author.pdbx_ordinal       1 
_audit_author.identifier_ORCID   0009-0002-5884-1294 
# 
_citation.abstract                  ? 
_citation.abstract_id_CAS           ? 
_citation.book_id_ISBN              ? 
_citation.book_publisher            ? 
_citation.book_publisher_city       ? 
_citation.book_title                ? 
_citation.coordinate_linkage        ? 
_citation.country                   US 
_citation.database_id_Medline       ? 
_citation.details                   ? 
_citation.id                        primary 
_citation.journal_abbrev            Biomacromolecules 
_citation.journal_id_ASTM           ? 
_citation.journal_id_CSD            ? 
_citation.journal_id_ISSN           1526-4602 
_citation.journal_full              ? 
_citation.journal_issue             ? 
_citation.journal_volume            25 
_citation.language                  ? 
_citation.page_first                2016 
_citation.page_last                 2023 
_citation.title                     'Pore Restructuring of Peptide Frameworks by Mutations at Distal Packing Residues.' 
_citation.year                      2024 
_citation.database_id_CSD           ? 
_citation.pdbx_database_id_DOI      10.1021/acs.biomac.3c01418 
_citation.pdbx_database_id_PubMed   38362872 
_citation.pdbx_database_id_patent   ? 
_citation.unpublished_flag          ? 
# 
loop_
_citation_author.citation_id 
_citation_author.name 
_citation_author.ordinal 
_citation_author.identifier_ORCID 
primary 'Heinz-Kunert, S.L.' 1 ?                   
primary 'Pandya, A.'         2 0000-0003-3303-1009 
primary 'Dang, V.T.'         3 ?                   
primary 'Oktawiec, J.'       4 0000-0002-2895-3327 
primary 'Nguyen, A.I.'       5 0000-0003-4137-6453 
# 
loop_
_entity.id 
_entity.type 
_entity.src_method 
_entity.pdbx_description 
_entity.formula_weight 
_entity.pdbx_number_of_molecules 
_entity.pdbx_ec 
_entity.pdbx_mutation 
_entity.pdbx_fragment 
_entity.details 
1 polymer syn UIC-1-B5W 1475.694 2  ? ? ? ? 
2 water   nat water     18.015   22 ? ? ? ? 
# 
_entity_poly.entity_id                      1 
_entity_poly.type                           'polypeptide(L)' 
_entity_poly.nstd_linkage                   no 
_entity_poly.nstd_monomer                   yes 
_entity_poly.pdbx_seq_one_letter_code       '(I6W)L(AIB)AWL(AIB)Q(AIB)L(I77)' 
_entity_poly.pdbx_seq_one_letter_code_can   XLAAWLAQALX 
_entity_poly.pdbx_strand_id                 A,B 
_entity_poly.pdbx_target_identifier         ? 
# 
_pdbx_entity_nonpoly.entity_id   2 
_pdbx_entity_nonpoly.name        water 
_pdbx_entity_nonpoly.comp_id     HOH 
# 
loop_
_entity_poly_seq.entity_id 
_entity_poly_seq.num 
_entity_poly_seq.mon_id 
_entity_poly_seq.hetero 
1 1  I6W n 
1 2  LEU n 
1 3  AIB n 
1 4  ALA n 
1 5  TRP n 
1 6  LEU n 
1 7  AIB n 
1 8  GLN n 
1 9  AIB n 
1 10 LEU n 
1 11 I77 n 
# 
_pdbx_entity_src_syn.entity_id              1 
_pdbx_entity_src_syn.pdbx_src_id            1 
_pdbx_entity_src_syn.pdbx_alt_source_flag   sample 
_pdbx_entity_src_syn.pdbx_beg_seq_num       1 
_pdbx_entity_src_syn.pdbx_end_seq_num       11 
_pdbx_entity_src_syn.organism_scientific    'synthetic construct' 
_pdbx_entity_src_syn.organism_common_name   ? 
_pdbx_entity_src_syn.ncbi_taxonomy_id       32630 
_pdbx_entity_src_syn.details                ? 
# 
loop_
_chem_comp.id 
_chem_comp.type 
_chem_comp.mon_nstd_flag 
_chem_comp.name 
_chem_comp.pdbx_synonyms 
_chem_comp.formula 
_chem_comp.formula_weight 
AIB 'L-peptide linking' n 'ALPHA-AMINOISOBUTYRIC ACID'                            ? 'C4 H9 N O2'    103.120 
ALA 'L-peptide linking' y ALANINE                                                 ? 'C3 H7 N O2'    89.093  
GLN 'L-peptide linking' y GLUTAMINE                                               ? 'C5 H10 N2 O3'  146.144 
HOH non-polymer         . WATER                                                   ? 'H2 O'          18.015  
I6W non-polymer         . 
;ethyl 5'-formyl[2,2'-bipyridine]-5-carboxylate
;
? 'C14 H12 N2 O3' 256.257 
I77 non-polymer         . "5'-(hydrazinecarbonyl)[2,2'-bipyridine]-5-carboxamide" ? 'C12 H11 N5 O2' 257.248 
LEU 'L-peptide linking' y LEUCINE                                                 ? 'C6 H13 N O2'   131.173 
TRP 'L-peptide linking' y TRYPTOPHAN                                              ? 'C11 H12 N2 O2' 204.225 
# 
loop_
_pdbx_poly_seq_scheme.asym_id 
_pdbx_poly_seq_scheme.entity_id 
_pdbx_poly_seq_scheme.seq_id 
_pdbx_poly_seq_scheme.mon_id 
_pdbx_poly_seq_scheme.ndb_seq_num 
_pdbx_poly_seq_scheme.pdb_seq_num 
_pdbx_poly_seq_scheme.auth_seq_num 
_pdbx_poly_seq_scheme.pdb_mon_id 
_pdbx_poly_seq_scheme.auth_mon_id 
_pdbx_poly_seq_scheme.pdb_strand_id 
_pdbx_poly_seq_scheme.pdb_ins_code 
_pdbx_poly_seq_scheme.hetero 
A 1 1  I6W 1  1  1  I6W BPE A . n 
A 1 2  LEU 2  2  2  LEU LEU A . n 
A 1 3  AIB 3  3  3  AIB AIB A . n 
A 1 4  ALA 4  4  4  ALA ALA A . n 
A 1 5  TRP 5  5  5  TRP TRP A . n 
A 1 6  LEU 6  6  6  LEU LEU A . n 
A 1 7  AIB 7  7  7  AIB AIB A . n 
A 1 8  GLN 8  8  8  GLN GLN A . n 
A 1 9  AIB 9  9  9  AIB AIB A . n 
A 1 10 LEU 10 10 10 LEU LEU A . n 
A 1 11 I77 11 11 11 I77 BPH A . n 
B 1 1  I6W 1  1  1  I6W BPE B . n 
B 1 2  LEU 2  2  2  LEU LEU B . n 
B 1 3  AIB 3  3  3  AIB AIB B . n 
B 1 4  ALA 4  4  4  ALA ALA B . n 
B 1 5  TRP 5  5  5  TRP TRP B . n 
B 1 6  LEU 6  6  6  LEU LEU B . n 
B 1 7  AIB 7  7  7  AIB AIB B . n 
B 1 8  GLN 8  8  8  GLN GLN B . n 
B 1 9  AIB 9  9  9  AIB AIB B . n 
B 1 10 LEU 10 10 10 LEU LEU B . n 
B 1 11 I77 11 11 11 I77 BPH B . n 
# 
loop_
_pdbx_nonpoly_scheme.asym_id 
_pdbx_nonpoly_scheme.entity_id 
_pdbx_nonpoly_scheme.mon_id 
_pdbx_nonpoly_scheme.ndb_seq_num 
_pdbx_nonpoly_scheme.pdb_seq_num 
_pdbx_nonpoly_scheme.auth_seq_num 
_pdbx_nonpoly_scheme.pdb_mon_id 
_pdbx_nonpoly_scheme.auth_mon_id 
_pdbx_nonpoly_scheme.pdb_strand_id 
_pdbx_nonpoly_scheme.pdb_ins_code 
C 2 HOH 1  101 11 HOH HOH A . 
C 2 HOH 2  102 4  HOH HOH A . 
C 2 HOH 3  103 3  HOH HOH A . 
C 2 HOH 4  104 9  HOH HOH A . 
C 2 HOH 5  105 5  HOH HOH A . 
C 2 HOH 6  106 1  HOH HOH A . 
C 2 HOH 7  107 8  HOH HOH A . 
C 2 HOH 8  108 16 HOH HOH A . 
C 2 HOH 9  109 20 HOH HOH A . 
C 2 HOH 10 110 21 HOH HOH A . 
C 2 HOH 11 111 10 HOH HOH A . 
C 2 HOH 12 112 18 HOH HOH A . 
C 2 HOH 13 113 15 HOH HOH A . 
D 2 HOH 1  101 2  HOH HOH B . 
D 2 HOH 2  102 13 HOH HOH B . 
D 2 HOH 3  103 6  HOH HOH B . 
D 2 HOH 4  104 23 HOH HOH B . 
D 2 HOH 5  105 14 HOH HOH B . 
D 2 HOH 6  106 17 HOH HOH B . 
D 2 HOH 7  107 22 HOH HOH B . 
D 2 HOH 8  108 7  HOH HOH B . 
D 2 HOH 9  109 19 HOH HOH B . 
# 
loop_
_software.citation_id 
_software.classification 
_software.compiler_name 
_software.compiler_version 
_software.contact_author 
_software.contact_author_email 
_software.date 
_software.description 
_software.dependencies 
_software.hardware 
_software.language 
_software.location 
_software.mods 
_software.name 
_software.os 
_software.os_version 
_software.type 
_software.version 
_software.pdbx_ordinal 
? refinement       ? ? ? ? ? ? ? ? ? ? ? PHENIX ? ? ? 1.20.1_4487 1 
? 'data reduction' ? ? ? ? ? ? ? ? ? ? ? XDS    ? ? ? .           2 
? 'data scaling'   ? ? ? ? ? ? ? ? ? ? ? XDS    ? ? ? .           3 
? phasing          ? ? ? ? ? ? ? ? ? ? ? PHASER ? ? ? .           4 
# 
_cell.angle_alpha                  90.000 
_cell.angle_alpha_esd              ? 
_cell.angle_beta                   90.000 
_cell.angle_beta_esd               ? 
_cell.angle_gamma                  90.000 
_cell.angle_gamma_esd              ? 
_cell.entry_id                     8V56 
_cell.details                      ? 
_cell.formula_units_Z              ? 
_cell.length_a                     16.543 
_cell.length_a_esd                 ? 
_cell.length_b                     20.422 
_cell.length_b_esd                 ? 
_cell.length_c                     56.557 
_cell.length_c_esd                 ? 
_cell.volume                       19107.282 
_cell.volume_esd                   ? 
_cell.Z_PDB                        8 
_cell.reciprocal_angle_alpha       ? 
_cell.reciprocal_angle_beta        ? 
_cell.reciprocal_angle_gamma       ? 
_cell.reciprocal_angle_alpha_esd   ? 
_cell.reciprocal_angle_beta_esd    ? 
_cell.reciprocal_angle_gamma_esd   ? 
_cell.reciprocal_length_a          ? 
_cell.reciprocal_length_b          ? 
_cell.reciprocal_length_c          ? 
_cell.reciprocal_length_a_esd      ? 
_cell.reciprocal_length_b_esd      ? 
_cell.reciprocal_length_c_esd      ? 
_cell.pdbx_unique_axis             ? 
_cell.pdbx_esd_method              ? 
# 
_symmetry.entry_id                         8V56 
_symmetry.cell_setting                     ? 
_symmetry.Int_Tables_number                18 
_symmetry.space_group_name_Hall            'P 2 2ab (z,x,y)' 
_symmetry.space_group_name_H-M             'P 2 21 21' 
_symmetry.pdbx_full_space_group_name_H-M   ? 
# 
_exptl.absorpt_coefficient_mu     ? 
_exptl.absorpt_correction_T_max   ? 
_exptl.absorpt_correction_T_min   ? 
_exptl.absorpt_correction_type    ? 
_exptl.absorpt_process_details    ? 
_exptl.entry_id                   8V56 
_exptl.crystals_number            1 
_exptl.details                    ? 
_exptl.method                     'X-RAY DIFFRACTION' 
_exptl.method_details             ? 
# 
_exptl_crystal.colour                       ? 
_exptl_crystal.density_diffrn               ? 
_exptl_crystal.density_Matthews             1.62 
_exptl_crystal.density_method               ? 
_exptl_crystal.density_percent_sol          24.00 
_exptl_crystal.description                  ? 
_exptl_crystal.F_000                        ? 
_exptl_crystal.id                           1 
_exptl_crystal.preparation                  ? 
_exptl_crystal.size_max                     ? 
_exptl_crystal.size_mid                     ? 
_exptl_crystal.size_min                     ? 
_exptl_crystal.size_rad                     ? 
_exptl_crystal.colour_lustre                ? 
_exptl_crystal.colour_modifier              ? 
_exptl_crystal.colour_primary               ? 
_exptl_crystal.density_meas                 ? 
_exptl_crystal.density_meas_esd             ? 
_exptl_crystal.density_meas_gt              ? 
_exptl_crystal.density_meas_lt              ? 
_exptl_crystal.density_meas_temp            ? 
_exptl_crystal.density_meas_temp_esd        ? 
_exptl_crystal.density_meas_temp_gt         ? 
_exptl_crystal.density_meas_temp_lt         ? 
_exptl_crystal.pdbx_crystal_image_url       ? 
_exptl_crystal.pdbx_crystal_image_format    ? 
_exptl_crystal.pdbx_mosaicity               ? 
_exptl_crystal.pdbx_mosaicity_esd           ? 
_exptl_crystal.pdbx_mosaic_method           ? 
_exptl_crystal.pdbx_mosaic_block_size       ? 
_exptl_crystal.pdbx_mosaic_block_size_esd   ? 
# 
_exptl_crystal_grow.apparatus       ? 
_exptl_crystal_grow.atmosphere      ? 
_exptl_crystal_grow.crystal_id      1 
_exptl_crystal_grow.details         ? 
_exptl_crystal_grow.method          'SLOW COOLING' 
_exptl_crystal_grow.method_ref      ? 
_exptl_crystal_grow.pH              ? 
_exptl_crystal_grow.pressure        ? 
_exptl_crystal_grow.pressure_esd    ? 
_exptl_crystal_grow.seeding         ? 
_exptl_crystal_grow.seeding_ref     ? 
_exptl_crystal_grow.temp_details    ? 
_exptl_crystal_grow.temp_esd        ? 
_exptl_crystal_grow.time            ? 
_exptl_crystal_grow.pdbx_details    'water, acetonitrile' 
_exptl_crystal_grow.pdbx_pH_range   ? 
_exptl_crystal_grow.temp            298 
# 
_diffrn.ambient_environment              ? 
_diffrn.ambient_temp                     100 
_diffrn.ambient_temp_details             ? 
_diffrn.ambient_temp_esd                 ? 
_diffrn.crystal_id                       1 
_diffrn.crystal_support                  ? 
_diffrn.crystal_treatment                ? 
_diffrn.details                          ? 
_diffrn.id                               1 
_diffrn.ambient_pressure                 ? 
_diffrn.ambient_pressure_esd             ? 
_diffrn.ambient_pressure_gt              ? 
_diffrn.ambient_pressure_lt              ? 
_diffrn.ambient_temp_gt                  ? 
_diffrn.ambient_temp_lt                  ? 
_diffrn.pdbx_serial_crystal_experiment   N 
# 
_diffrn_detector.details                      ? 
_diffrn_detector.detector                     PIXEL 
_diffrn_detector.diffrn_id                    1 
_diffrn_detector.type                         'DECTRIS EIGER X 9M' 
_diffrn_detector.area_resol_mean              ? 
_diffrn_detector.dtime                        ? 
_diffrn_detector.pdbx_frames_total            ? 
_diffrn_detector.pdbx_collection_time_total   ? 
_diffrn_detector.pdbx_collection_date         2023-03-12 
_diffrn_detector.pdbx_frequency               ? 
_diffrn_detector.id                           ? 
_diffrn_detector.number_of_axes               ? 
# 
_diffrn_radiation.collimation                      ? 
_diffrn_radiation.diffrn_id                        1 
_diffrn_radiation.filter_edge                      ? 
_diffrn_radiation.inhomogeneity                    ? 
_diffrn_radiation.monochromator                    ? 
_diffrn_radiation.polarisn_norm                    ? 
_diffrn_radiation.polarisn_ratio                   ? 
_diffrn_radiation.probe                            ? 
_diffrn_radiation.type                             ? 
_diffrn_radiation.xray_symbol                      ? 
_diffrn_radiation.wavelength_id                    1 
_diffrn_radiation.pdbx_monochromatic_or_laue_m_l   M 
_diffrn_radiation.pdbx_wavelength_list             ? 
_diffrn_radiation.pdbx_wavelength                  ? 
_diffrn_radiation.pdbx_diffrn_protocol             'SINGLE WAVELENGTH' 
_diffrn_radiation.pdbx_analyzer                    ? 
_diffrn_radiation.pdbx_scattering_type             x-ray 
# 
_diffrn_radiation_wavelength.id           1 
_diffrn_radiation_wavelength.wavelength   0.6199 
_diffrn_radiation_wavelength.wt           1.0 
# 
_diffrn_source.current                     ? 
_diffrn_source.details                     ? 
_diffrn_source.diffrn_id                   1 
_diffrn_source.power                       ? 
_diffrn_source.size                        ? 
_diffrn_source.source                      SYNCHROTRON 
_diffrn_source.target                      ? 
_diffrn_source.type                        'APS BEAMLINE 21-ID-D' 
_diffrn_source.voltage                     ? 
_diffrn_source.take-off_angle              ? 
_diffrn_source.pdbx_wavelength_list        0.6199 
_diffrn_source.pdbx_wavelength             ? 
_diffrn_source.pdbx_synchrotron_beamline   21-ID-D 
_diffrn_source.pdbx_synchrotron_site       APS 
# 
_reflns.B_iso_Wilson_estimate                          6.84 
_reflns.entry_id                                       8V56 
_reflns.data_reduction_details                         ? 
_reflns.data_reduction_method                          ? 
_reflns.d_resolution_high                              0.98 
_reflns.d_resolution_low                               16.56 
_reflns.details                                        ? 
_reflns.limit_h_max                                    ? 
_reflns.limit_h_min                                    ? 
_reflns.limit_k_max                                    ? 
_reflns.limit_k_min                                    ? 
_reflns.limit_l_max                                    ? 
_reflns.limit_l_min                                    ? 
_reflns.number_all                                     ? 
_reflns.number_obs                                     11436 
_reflns.observed_criterion                             ? 
_reflns.observed_criterion_F_max                       ? 
_reflns.observed_criterion_F_min                       ? 
_reflns.observed_criterion_I_max                       ? 
_reflns.observed_criterion_I_min                       ? 
_reflns.observed_criterion_sigma_F                     ? 
_reflns.observed_criterion_sigma_I                     ? 
_reflns.percent_possible_obs                           98.55 
_reflns.R_free_details                                 ? 
_reflns.Rmerge_F_all                                   ? 
_reflns.Rmerge_F_obs                                   ? 
_reflns.Friedel_coverage                               ? 
_reflns.number_gt                                      ? 
_reflns.threshold_expression                           ? 
_reflns.pdbx_redundancy                                11.4 
_reflns.pdbx_netI_over_av_sigmaI                       ? 
_reflns.pdbx_netI_over_sigmaI                          17.5 
_reflns.pdbx_res_netI_over_av_sigmaI_2                 ? 
_reflns.pdbx_res_netI_over_sigmaI_2                    ? 
_reflns.pdbx_chi_squared                               ? 
_reflns.pdbx_scaling_rejects                           ? 
_reflns.pdbx_d_res_high_opt                            ? 
_reflns.pdbx_d_res_low_opt                             ? 
_reflns.pdbx_d_res_opt_method                          ? 
_reflns.phase_calculation_details                      ? 
_reflns.pdbx_Rrim_I_all                                0.08711 
_reflns.pdbx_Rpim_I_all                                0.02509 
_reflns.pdbx_d_opt                                     ? 
_reflns.pdbx_number_measured_all                       ? 
_reflns.pdbx_diffrn_id                                 1 
_reflns.pdbx_ordinal                                   1 
_reflns.pdbx_CC_half                                   1 
_reflns.pdbx_CC_star                                   1 
_reflns.pdbx_R_split                                   ? 
_reflns.pdbx_Rmerge_I_obs                              0.08324 
_reflns.pdbx_Rmerge_I_all                              ? 
_reflns.pdbx_Rsym_value                                ? 
_reflns.pdbx_CC_split_method                           ? 
_reflns.pdbx_aniso_diffraction_limit_axis_1_ortho[1]   ? 
_reflns.pdbx_aniso_diffraction_limit_axis_1_ortho[2]   ? 
_reflns.pdbx_aniso_diffraction_limit_axis_1_ortho[3]   ? 
_reflns.pdbx_aniso_diffraction_limit_axis_2_ortho[1]   ? 
_reflns.pdbx_aniso_diffraction_limit_axis_2_ortho[2]   ? 
_reflns.pdbx_aniso_diffraction_limit_axis_2_ortho[3]   ? 
_reflns.pdbx_aniso_diffraction_limit_axis_3_ortho[1]   ? 
_reflns.pdbx_aniso_diffraction_limit_axis_3_ortho[2]   ? 
_reflns.pdbx_aniso_diffraction_limit_axis_3_ortho[3]   ? 
_reflns.pdbx_aniso_diffraction_limit_1                 ? 
_reflns.pdbx_aniso_diffraction_limit_2                 ? 
_reflns.pdbx_aniso_diffraction_limit_3                 ? 
_reflns.pdbx_aniso_B_tensor_eigenvector_1_ortho[1]     ? 
_reflns.pdbx_aniso_B_tensor_eigenvector_1_ortho[2]     ? 
_reflns.pdbx_aniso_B_tensor_eigenvector_1_ortho[3]     ? 
_reflns.pdbx_aniso_B_tensor_eigenvector_2_ortho[1]     ? 
_reflns.pdbx_aniso_B_tensor_eigenvector_2_ortho[2]     ? 
_reflns.pdbx_aniso_B_tensor_eigenvector_2_ortho[3]     ? 
_reflns.pdbx_aniso_B_tensor_eigenvector_3_ortho[1]     ? 
_reflns.pdbx_aniso_B_tensor_eigenvector_3_ortho[2]     ? 
_reflns.pdbx_aniso_B_tensor_eigenvector_3_ortho[3]     ? 
_reflns.pdbx_aniso_B_tensor_eigenvalue_1               ? 
_reflns.pdbx_aniso_B_tensor_eigenvalue_2               ? 
_reflns.pdbx_aniso_B_tensor_eigenvalue_3               ? 
_reflns.pdbx_orthogonalization_convention              ? 
_reflns.pdbx_percent_possible_ellipsoidal              ? 
_reflns.pdbx_percent_possible_spherical                ? 
_reflns.pdbx_percent_possible_ellipsoidal_anomalous    ? 
_reflns.pdbx_percent_possible_spherical_anomalous      ? 
_reflns.pdbx_redundancy_anomalous                      ? 
_reflns.pdbx_CC_half_anomalous                         ? 
_reflns.pdbx_absDiff_over_sigma_anomalous              ? 
_reflns.pdbx_percent_possible_anomalous                ? 
_reflns.pdbx_observed_signal_threshold                 ? 
_reflns.pdbx_signal_type                               ? 
_reflns.pdbx_signal_details                            ? 
_reflns.pdbx_signal_software_id                        ? 
# 
_reflns_shell.d_res_high                                    0.98 
_reflns_shell.d_res_low                                     1.015 
_reflns_shell.meanI_over_sigI_all                           ? 
_reflns_shell.meanI_over_sigI_obs                           1.43 
_reflns_shell.number_measured_all                           ? 
_reflns_shell.number_measured_obs                           ? 
_reflns_shell.number_possible                               ? 
_reflns_shell.number_unique_all                             ? 
_reflns_shell.number_unique_obs                             1015 
_reflns_shell.percent_possible_obs                          ? 
_reflns_shell.Rmerge_F_all                                  ? 
_reflns_shell.Rmerge_F_obs                                  ? 
_reflns_shell.meanI_over_sigI_gt                            ? 
_reflns_shell.meanI_over_uI_all                             ? 
_reflns_shell.meanI_over_uI_gt                              ? 
_reflns_shell.number_measured_gt                            ? 
_reflns_shell.number_unique_gt                              ? 
_reflns_shell.percent_possible_gt                           ? 
_reflns_shell.Rmerge_F_gt                                   ? 
_reflns_shell.Rmerge_I_gt                                   ? 
_reflns_shell.pdbx_redundancy                               ? 
_reflns_shell.pdbx_chi_squared                              ? 
_reflns_shell.pdbx_netI_over_sigmaI_all                     ? 
_reflns_shell.pdbx_netI_over_sigmaI_obs                     ? 
_reflns_shell.pdbx_Rrim_I_all                               0.9559 
_reflns_shell.pdbx_Rpim_I_all                               0.4011 
_reflns_shell.pdbx_rejects                                  ? 
_reflns_shell.pdbx_ordinal                                  1 
_reflns_shell.pdbx_diffrn_id                                1 
_reflns_shell.pdbx_CC_half                                  0.598 
_reflns_shell.pdbx_CC_star                                  0.865 
_reflns_shell.pdbx_R_split                                  ? 
_reflns_shell.percent_possible_all                          ? 
_reflns_shell.Rmerge_I_all                                  ? 
_reflns_shell.Rmerge_I_obs                                  0.8628 
_reflns_shell.pdbx_Rsym_value                               ? 
_reflns_shell.pdbx_percent_possible_ellipsoidal             ? 
_reflns_shell.pdbx_percent_possible_spherical               ? 
_reflns_shell.pdbx_percent_possible_ellipsoidal_anomalous   ? 
_reflns_shell.pdbx_percent_possible_spherical_anomalous     ? 
_reflns_shell.pdbx_redundancy_anomalous                     ? 
_reflns_shell.pdbx_CC_half_anomalous                        ? 
_reflns_shell.pdbx_absDiff_over_sigma_anomalous             ? 
_reflns_shell.pdbx_percent_possible_anomalous               ? 
# 
_refine.aniso_B[1][1]                            ? 
_refine.aniso_B[1][2]                            ? 
_refine.aniso_B[1][3]                            ? 
_refine.aniso_B[2][2]                            ? 
_refine.aniso_B[2][3]                            ? 
_refine.aniso_B[3][3]                            ? 
_refine.B_iso_max                                ? 
_refine.B_iso_mean                               10.81 
_refine.B_iso_min                                ? 
_refine.correlation_coeff_Fo_to_Fc               ? 
_refine.correlation_coeff_Fo_to_Fc_free          ? 
_refine.details                                  ? 
_refine.diff_density_max                         ? 
_refine.diff_density_max_esd                     ? 
_refine.diff_density_min                         ? 
_refine.diff_density_min_esd                     ? 
_refine.diff_density_rms                         ? 
_refine.diff_density_rms_esd                     ? 
_refine.entry_id                                 8V56 
_refine.pdbx_refine_id                           'X-RAY DIFFRACTION' 
_refine.ls_abs_structure_details                 ? 
_refine.ls_abs_structure_Flack                   ? 
_refine.ls_abs_structure_Flack_esd               ? 
_refine.ls_abs_structure_Rogers                  ? 
_refine.ls_abs_structure_Rogers_esd              ? 
_refine.ls_d_res_high                            0.98 
_refine.ls_d_res_low                             16.56 
_refine.ls_extinction_coef                       ? 
_refine.ls_extinction_coef_esd                   ? 
_refine.ls_extinction_expression                 ? 
_refine.ls_extinction_method                     ? 
_refine.ls_goodness_of_fit_all                   ? 
_refine.ls_goodness_of_fit_all_esd               ? 
_refine.ls_goodness_of_fit_obs                   ? 
_refine.ls_goodness_of_fit_obs_esd               ? 
_refine.ls_hydrogen_treatment                    ? 
_refine.ls_matrix_type                           ? 
_refine.ls_number_constraints                    ? 
_refine.ls_number_parameters                     ? 
_refine.ls_number_reflns_all                     ? 
_refine.ls_number_reflns_obs                     11436 
_refine.ls_number_reflns_R_free                  2111 
_refine.ls_number_reflns_R_work                  18860 
_refine.ls_number_restraints                     ? 
_refine.ls_percent_reflns_obs                    98.70 
_refine.ls_percent_reflns_R_free                 10.07 
_refine.ls_R_factor_all                          ? 
_refine.ls_R_factor_obs                          0.1322 
_refine.ls_R_factor_R_free                       0.1473 
_refine.ls_R_factor_R_free_error                 ? 
_refine.ls_R_factor_R_free_error_details         ? 
_refine.ls_R_factor_R_work                       0.1305 
_refine.ls_R_Fsqd_factor_obs                     ? 
_refine.ls_R_I_factor_obs                        ? 
_refine.ls_redundancy_reflns_all                 ? 
_refine.ls_redundancy_reflns_obs                 ? 
_refine.ls_restrained_S_all                      ? 
_refine.ls_restrained_S_obs                      ? 
_refine.ls_shift_over_esd_max                    ? 
_refine.ls_shift_over_esd_mean                   ? 
_refine.ls_structure_factor_coef                 ? 
_refine.ls_weighting_details                     ? 
_refine.ls_weighting_scheme                      ? 
_refine.ls_wR_factor_all                         ? 
_refine.ls_wR_factor_obs                         ? 
_refine.ls_wR_factor_R_free                      ? 
_refine.ls_wR_factor_R_work                      ? 
_refine.occupancy_max                            ? 
_refine.occupancy_min                            ? 
_refine.solvent_model_details                    'FLAT BULK SOLVENT MODEL' 
_refine.solvent_model_param_bsol                 ? 
_refine.solvent_model_param_ksol                 ? 
_refine.pdbx_R_complete                          ? 
_refine.ls_R_factor_gt                           ? 
_refine.ls_goodness_of_fit_gt                    ? 
_refine.ls_goodness_of_fit_ref                   ? 
_refine.ls_shift_over_su_max                     ? 
_refine.ls_shift_over_su_max_lt                  ? 
_refine.ls_shift_over_su_mean                    ? 
_refine.ls_shift_over_su_mean_lt                 ? 
_refine.pdbx_ls_sigma_I                          ? 
_refine.pdbx_ls_sigma_F                          1.36 
_refine.pdbx_ls_sigma_Fsqd                       ? 
_refine.pdbx_data_cutoff_high_absF               ? 
_refine.pdbx_data_cutoff_high_rms_absF           ? 
_refine.pdbx_data_cutoff_low_absF                ? 
_refine.pdbx_isotropic_thermal_model             ? 
_refine.pdbx_ls_cross_valid_method               'FREE R-VALUE' 
_refine.pdbx_method_to_determine_struct          'MOLECULAR REPLACEMENT' 
_refine.pdbx_starting_model                      ? 
_refine.pdbx_stereochemistry_target_values       'GeoStd + Monomer Library + CDL v1.2' 
_refine.pdbx_R_Free_selection_details            ? 
_refine.pdbx_stereochem_target_val_spec_case     ? 
_refine.pdbx_overall_ESU_R                       ? 
_refine.pdbx_overall_ESU_R_Free                  ? 
_refine.pdbx_solvent_vdw_probe_radii             1.1000 
_refine.pdbx_solvent_ion_probe_radii             ? 
_refine.pdbx_solvent_shrinkage_radii             0.9000 
_refine.pdbx_real_space_R                        ? 
_refine.pdbx_density_correlation                 ? 
_refine.pdbx_pd_number_of_powder_patterns        ? 
_refine.pdbx_pd_number_of_points                 ? 
_refine.pdbx_pd_meas_number_of_points            ? 
_refine.pdbx_pd_proc_ls_prof_R_factor            ? 
_refine.pdbx_pd_proc_ls_prof_wR_factor           ? 
_refine.pdbx_pd_Marquardt_correlation_coeff      ? 
_refine.pdbx_pd_Fsqrd_R_factor                   ? 
_refine.pdbx_pd_ls_matrix_band_width             ? 
_refine.pdbx_overall_phase_error                 15.8928 
_refine.pdbx_overall_SU_R_free_Cruickshank_DPI   ? 
_refine.pdbx_overall_SU_R_free_Blow_DPI          ? 
_refine.pdbx_overall_SU_R_Blow_DPI               ? 
_refine.pdbx_TLS_residual_ADP_flag               ? 
_refine.pdbx_diffrn_id                           1 
_refine.overall_SU_B                             ? 
_refine.overall_SU_ML                            0.1372 
_refine.overall_SU_R_Cruickshank_DPI             ? 
_refine.overall_SU_R_free                        ? 
_refine.overall_FOM_free_R_set                   ? 
_refine.overall_FOM_work_R_set                   ? 
_refine.pdbx_average_fsc_overall                 ? 
_refine.pdbx_average_fsc_work                    ? 
_refine.pdbx_average_fsc_free                    ? 
# 
_refine_hist.pdbx_refine_id                   'X-RAY DIFFRACTION' 
_refine_hist.cycle_id                         LAST 
_refine_hist.details                          ? 
_refine_hist.d_res_high                       0.98 
_refine_hist.d_res_low                        16.56 
_refine_hist.number_atoms_solvent             22 
_refine_hist.number_atoms_total               238 
_refine_hist.number_reflns_all                ? 
_refine_hist.number_reflns_obs                ? 
_refine_hist.number_reflns_R_free             ? 
_refine_hist.number_reflns_R_work             ? 
_refine_hist.R_factor_all                     ? 
_refine_hist.R_factor_obs                     ? 
_refine_hist.R_factor_R_free                  ? 
_refine_hist.R_factor_R_work                  ? 
_refine_hist.pdbx_number_residues_total       ? 
_refine_hist.pdbx_B_iso_mean_ligand           ? 
_refine_hist.pdbx_B_iso_mean_solvent          ? 
_refine_hist.pdbx_number_atoms_protein        178 
_refine_hist.pdbx_number_atoms_nucleic_acid   0 
_refine_hist.pdbx_number_atoms_ligand         38 
_refine_hist.pdbx_number_atoms_lipid          ? 
_refine_hist.pdbx_number_atoms_carb           ? 
_refine_hist.pdbx_pseudo_atom_details         ? 
# 
loop_
_refine_ls_restr.pdbx_refine_id 
_refine_ls_restr.criterion 
_refine_ls_restr.dev_ideal 
_refine_ls_restr.dev_ideal_target 
_refine_ls_restr.number 
_refine_ls_restr.rejects 
_refine_ls_restr.type 
_refine_ls_restr.weight 
_refine_ls_restr.pdbx_restraint_function 
'X-RAY DIFFRACTION' ? 0.0100  ? 251 ? f_bond_d           ? ? 
'X-RAY DIFFRACTION' ? 1.7368  ? 350 ? f_angle_d          ? ? 
'X-RAY DIFFRACTION' ? 0.0444  ? 20  ? f_chiral_restr     ? ? 
'X-RAY DIFFRACTION' ? 0.0085  ? 39  ? f_plane_restr      ? ? 
'X-RAY DIFFRACTION' ? 38.4291 ? 42  ? f_dihedral_angle_d ? ? 
# 
loop_
_refine_ls_shell.pdbx_refine_id 
_refine_ls_shell.d_res_high 
_refine_ls_shell.d_res_low 
_refine_ls_shell.number_reflns_all 
_refine_ls_shell.number_reflns_obs 
_refine_ls_shell.number_reflns_R_free 
_refine_ls_shell.number_reflns_R_work 
_refine_ls_shell.percent_reflns_obs 
_refine_ls_shell.percent_reflns_R_free 
_refine_ls_shell.R_factor_all 
_refine_ls_shell.R_factor_obs 
_refine_ls_shell.R_factor_R_free_error 
_refine_ls_shell.R_factor_R_work 
_refine_ls_shell.redundancy_reflns_all 
_refine_ls_shell.redundancy_reflns_obs 
_refine_ls_shell.wR_factor_all 
_refine_ls_shell.wR_factor_obs 
_refine_ls_shell.wR_factor_R_free 
_refine_ls_shell.wR_factor_R_work 
_refine_ls_shell.pdbx_R_complete 
_refine_ls_shell.pdbx_total_number_of_bins_used 
_refine_ls_shell.pdbx_phase_error 
_refine_ls_shell.pdbx_fsc_work 
_refine_ls_shell.pdbx_fsc_free 
_refine_ls_shell.R_factor_R_free 
'X-RAY DIFFRACTION' 0.98 1.00  . . 127 1159 91.92  . . . . 0.4204 . . . . . . . . . . . 0.4377 
'X-RAY DIFFRACTION' 1.00 1.03  . . 130 1193 92.26  . . . . 0.3458 . . . . . . . . . . . 0.3605 
'X-RAY DIFFRACTION' 1.03 1.06  . . 142 1254 98.17  . . . . 0.2486 . . . . . . . . . . . 0.2667 
'X-RAY DIFFRACTION' 1.06 1.09  . . 138 1259 99.79  . . . . 0.1920 . . . . . . . . . . . 0.2112 
'X-RAY DIFFRACTION' 1.09 1.12  . . 140 1256 99.93  . . . . 0.1418 . . . . . . . . . . . 0.1538 
'X-RAY DIFFRACTION' 1.12 1.16  . . 146 1267 99.79  . . . . 0.1286 . . . . . . . . . . . 0.1410 
'X-RAY DIFFRACTION' 1.16 1.21  . . 143 1286 100.00 . . . . 0.1308 . . . . . . . . . . . 0.1598 
'X-RAY DIFFRACTION' 1.21 1.26  . . 143 1291 100.00 . . . . 0.1246 . . . . . . . . . . . 0.1519 
'X-RAY DIFFRACTION' 1.26 1.33  . . 138 1247 100.00 . . . . 0.1025 . . . . . . . . . . . 0.1420 
'X-RAY DIFFRACTION' 1.33 1.41  . . 147 1266 100.00 . . . . 0.1105 . . . . . . . . . . . 0.1201 
'X-RAY DIFFRACTION' 1.41 1.52  . . 147 1298 100.00 . . . . 0.1113 . . . . . . . . . . . 0.1333 
'X-RAY DIFFRACTION' 1.52 1.68  . . 147 1271 100.00 . . . . 0.1178 . . . . . . . . . . . 0.1202 
'X-RAY DIFFRACTION' 1.68 1.92  . . 144 1249 99.71  . . . . 0.1087 . . . . . . . . . . . 0.1146 
'X-RAY DIFFRACTION' 1.92 2.41  . . 137 1292 99.86  . . . . 0.1050 . . . . . . . . . . . 0.1339 
'X-RAY DIFFRACTION' 2.42 16.56 . . 142 1272 99.37  . . . . 0.1244 . . . . . . . . . . . 0.1365 
# 
_struct.entry_id                     8V56 
_struct.title                        'UIC-1 mutant - UIC-1-B5W' 
_struct.pdbx_model_details           ? 
_struct.pdbx_formula_weight          ? 
_struct.pdbx_formula_weight_method   ? 
_struct.pdbx_model_type_details      ? 
_struct.pdbx_CASP_flag               N 
# 
_struct_keywords.entry_id        8V56 
_struct_keywords.text            'synthetic construct, DE NOVO PROTEIN' 
_struct_keywords.pdbx_keywords   'DE NOVO PROTEIN' 
# 
loop_
_struct_asym.id 
_struct_asym.pdbx_blank_PDB_chainid_flag 
_struct_asym.pdbx_modified 
_struct_asym.entity_id 
_struct_asym.details 
A N N 1 ? 
B N N 1 ? 
C N N 2 ? 
D N N 2 ? 
# 
_struct_ref.id                         1 
_struct_ref.db_name                    PDB 
_struct_ref.db_code                    8V56 
_struct_ref.pdbx_db_accession          8V56 
_struct_ref.pdbx_db_isoform            ? 
_struct_ref.entity_id                  1 
_struct_ref.pdbx_seq_one_letter_code   ? 
_struct_ref.pdbx_align_begin           1 
# 
loop_
_struct_ref_seq.align_id 
_struct_ref_seq.ref_id 
_struct_ref_seq.pdbx_PDB_id_code 
_struct_ref_seq.pdbx_strand_id 
_struct_ref_seq.seq_align_beg 
_struct_ref_seq.pdbx_seq_align_beg_ins_code 
_struct_ref_seq.seq_align_end 
_struct_ref_seq.pdbx_seq_align_end_ins_code 
_struct_ref_seq.pdbx_db_accession 
_struct_ref_seq.db_align_beg 
_struct_ref_seq.pdbx_db_align_beg_ins_code 
_struct_ref_seq.db_align_end 
_struct_ref_seq.pdbx_db_align_end_ins_code 
_struct_ref_seq.pdbx_auth_seq_align_beg 
_struct_ref_seq.pdbx_auth_seq_align_end 
1 1 8V56 A 1 ? 11 ? 8V56 1 ? 11 ? 1 11 
2 1 8V56 B 1 ? 11 ? 8V56 1 ? 11 ? 1 11 
# 
loop_
_pdbx_struct_assembly.id 
_pdbx_struct_assembly.details 
_pdbx_struct_assembly.method_details 
_pdbx_struct_assembly.oligomeric_details 
_pdbx_struct_assembly.oligomeric_count 
1 author_defined_assembly ? monomeric 1 
2 author_defined_assembly ? monomeric 1 
# 
loop_
_pdbx_struct_assembly_gen.assembly_id 
_pdbx_struct_assembly_gen.oper_expression 
_pdbx_struct_assembly_gen.asym_id_list 
1 1 A,C 
2 1 B,D 
# 
_pdbx_struct_oper_list.id                   1 
_pdbx_struct_oper_list.type                 'identity operation' 
_pdbx_struct_oper_list.name                 1_555 
_pdbx_struct_oper_list.symmetry_operation   x,y,z 
_pdbx_struct_oper_list.matrix[1][1]         1.0000000000 
_pdbx_struct_oper_list.matrix[1][2]         0.0000000000 
_pdbx_struct_oper_list.matrix[1][3]         0.0000000000 
_pdbx_struct_oper_list.vector[1]            0.0000000000 
_pdbx_struct_oper_list.matrix[2][1]         0.0000000000 
_pdbx_struct_oper_list.matrix[2][2]         1.0000000000 
_pdbx_struct_oper_list.matrix[2][3]         0.0000000000 
_pdbx_struct_oper_list.vector[2]            0.0000000000 
_pdbx_struct_oper_list.matrix[3][1]         0.0000000000 
_pdbx_struct_oper_list.matrix[3][2]         0.0000000000 
_pdbx_struct_oper_list.matrix[3][3]         1.0000000000 
_pdbx_struct_oper_list.vector[3]            0.0000000000 
# 
loop_
_struct_conf.conf_type_id 
_struct_conf.id 
_struct_conf.pdbx_PDB_helix_id 
_struct_conf.beg_label_comp_id 
_struct_conf.beg_label_asym_id 
_struct_conf.beg_label_seq_id 
_struct_conf.pdbx_beg_PDB_ins_code 
_struct_conf.end_label_comp_id 
_struct_conf.end_label_asym_id 
_struct_conf.end_label_seq_id 
_struct_conf.pdbx_end_PDB_ins_code 
_struct_conf.beg_auth_comp_id 
_struct_conf.beg_auth_asym_id 
_struct_conf.beg_auth_seq_id 
_struct_conf.end_auth_comp_id 
_struct_conf.end_auth_asym_id 
_struct_conf.end_auth_seq_id 
_struct_conf.pdbx_PDB_helix_class 
_struct_conf.details 
_struct_conf.pdbx_PDB_helix_length 
HELX_P HELX_P1 AA1 LEU A 2 ? AIB A 9 ? LEU A 2 AIB A 9 1 ? 8 
HELX_P HELX_P2 AA2 AIB B 3 ? GLN B 8 ? AIB B 3 GLN B 8 1 ? 6 
# 
_struct_conf_type.id          HELX_P 
_struct_conf_type.criteria    ? 
_struct_conf_type.reference   ? 
# 
loop_
_struct_conn.id 
_struct_conn.conn_type_id 
_struct_conn.pdbx_leaving_atom_flag 
_struct_conn.pdbx_PDB_id 
_struct_conn.ptnr1_label_asym_id 
_struct_conn.ptnr1_label_comp_id 
_struct_conn.ptnr1_label_seq_id 
_struct_conn.ptnr1_label_atom_id 
_struct_conn.pdbx_ptnr1_label_alt_id 
_struct_conn.pdbx_ptnr1_PDB_ins_code 
_struct_conn.pdbx_ptnr1_standard_comp_id 
_struct_conn.ptnr1_symmetry 
_struct_conn.ptnr2_label_asym_id 
_struct_conn.ptnr2_label_comp_id 
_struct_conn.ptnr2_label_seq_id 
_struct_conn.ptnr2_label_atom_id 
_struct_conn.pdbx_ptnr2_label_alt_id 
_struct_conn.pdbx_ptnr2_PDB_ins_code 
_struct_conn.ptnr1_auth_asym_id 
_struct_conn.ptnr1_auth_comp_id 
_struct_conn.ptnr1_auth_seq_id 
_struct_conn.ptnr2_auth_asym_id 
_struct_conn.ptnr2_auth_comp_id 
_struct_conn.ptnr2_auth_seq_id 
_struct_conn.ptnr2_symmetry 
_struct_conn.pdbx_ptnr3_label_atom_id 
_struct_conn.pdbx_ptnr3_label_seq_id 
_struct_conn.pdbx_ptnr3_label_comp_id 
_struct_conn.pdbx_ptnr3_label_asym_id 
_struct_conn.pdbx_ptnr3_label_alt_id 
_struct_conn.pdbx_ptnr3_PDB_ins_code 
_struct_conn.details 
_struct_conn.pdbx_dist_value 
_struct_conn.pdbx_value_order 
_struct_conn.pdbx_role 
covale1  covale one  ? A I6W 1  C02 A ? ? 1_555 A LEU 2  N   ? ? A I6W 1  A LEU 2  1_555 ? ? ? ? ? ? ? 1.427 ? ? 
covale2  covale one  ? A I6W 1  C02 B ? ? 1_555 A LEU 2  N   ? ? A I6W 1  A LEU 2  1_555 ? ? ? ? ? ? ? 1.430 ? ? 
covale3  covale both ? A LEU 2  C   ? ? ? 1_555 A AIB 3  N   ? ? A LEU 2  A AIB 3  1_555 ? ? ? ? ? ? ? 1.333 ? ? 
covale4  covale both ? A AIB 3  C   ? ? ? 1_555 A ALA 4  N   ? ? A AIB 3  A ALA 4  1_555 ? ? ? ? ? ? ? 1.334 ? ? 
covale5  covale both ? A LEU 6  C   ? ? ? 1_555 A AIB 7  N   ? ? A LEU 6  A AIB 7  1_555 ? ? ? ? ? ? ? 1.330 ? ? 
covale6  covale both ? A AIB 7  C   ? ? ? 1_555 A GLN 8  N   ? ? A AIB 7  A GLN 8  1_555 ? ? ? ? ? ? ? 1.335 ? ? 
covale7  covale both ? A GLN 8  C   ? ? ? 1_555 A AIB 9  N   ? ? A GLN 8  A AIB 9  1_555 ? ? ? ? ? ? ? 1.330 ? ? 
covale8  covale both ? A AIB 9  C   ? ? ? 1_555 A LEU 10 N   ? ? A AIB 9  A LEU 10 1_555 ? ? ? ? ? ? ? 1.340 ? ? 
covale9  covale one  ? A LEU 10 C   ? ? ? 1_555 A I77 11 N15 ? ? A LEU 10 A I77 11 1_555 ? ? ? ? ? ? ? 1.417 ? ? 
covale10 covale one  ? B I6W 1  C02 ? ? ? 1_555 B LEU 2  N   ? ? B I6W 1  B LEU 2  1_555 ? ? ? ? ? ? ? 1.423 ? ? 
covale11 covale both ? B LEU 2  C   ? ? ? 1_555 B AIB 3  N   ? ? B LEU 2  B AIB 3  1_555 ? ? ? ? ? ? ? 1.335 ? ? 
covale12 covale both ? B AIB 3  C   ? ? ? 1_555 B ALA 4  N   ? ? B AIB 3  B ALA 4  1_555 ? ? ? ? ? ? ? 1.340 ? ? 
covale13 covale both ? B LEU 6  C   A ? ? 1_555 B AIB 7  N   ? ? B LEU 6  B AIB 7  1_555 ? ? ? ? ? ? ? 1.331 ? ? 
covale14 covale both ? B LEU 6  C   B ? ? 1_555 B AIB 7  N   ? ? B LEU 6  B AIB 7  1_555 ? ? ? ? ? ? ? 1.328 ? ? 
covale15 covale both ? B AIB 7  C   ? ? ? 1_555 B GLN 8  N   ? ? B AIB 7  B GLN 8  1_555 ? ? ? ? ? ? ? 1.338 ? ? 
covale16 covale both ? B GLN 8  C   ? ? ? 1_555 B AIB 9  N   ? ? B GLN 8  B AIB 9  1_555 ? ? ? ? ? ? ? 1.329 ? ? 
covale17 covale both ? B AIB 9  C   ? ? ? 1_555 B LEU 10 N   ? ? B AIB 9  B LEU 10 1_555 ? ? ? ? ? ? ? 1.336 ? ? 
covale18 covale one  ? B LEU 10 C   ? ? ? 1_555 B I77 11 N15 ? ? B LEU 10 B I77 11 1_555 ? ? ? ? ? ? ? 1.419 ? ? 
# 
_struct_conn_type.id          covale 
_struct_conn_type.criteria    ? 
_struct_conn_type.reference   ? 
# 
loop_
_space_group_symop.id 
_space_group_symop.operation_xyz 
1 x,y,z           
2 x,-y,-z         
3 -x,y+1/2,-z+1/2 
4 -x,-y+1/2,z+1/2 
# 
_pdbx_entry_details.entry_id                   8V56 
_pdbx_entry_details.nonpolymer_details         ? 
_pdbx_entry_details.sequence_details           ? 
_pdbx_entry_details.compound_details           ? 
_pdbx_entry_details.source_details             ? 
_pdbx_entry_details.has_ligand_of_interest     Y 
_pdbx_entry_details.has_protein_modification   ? 
# 
_pdbx_distant_solvent_atoms.id                                1 
_pdbx_distant_solvent_atoms.PDB_model_num                     1 
_pdbx_distant_solvent_atoms.auth_atom_id                      O 
_pdbx_distant_solvent_atoms.label_alt_id                      ? 
_pdbx_distant_solvent_atoms.auth_asym_id                      B 
_pdbx_distant_solvent_atoms.auth_comp_id                      HOH 
_pdbx_distant_solvent_atoms.auth_seq_id                       109 
_pdbx_distant_solvent_atoms.PDB_ins_code                      ? 
_pdbx_distant_solvent_atoms.neighbor_macromolecule_distance   6.70 
_pdbx_distant_solvent_atoms.neighbor_ligand_distance          . 
# 
loop_
_chem_comp_atom.comp_id 
_chem_comp_atom.atom_id 
_chem_comp_atom.type_symbol 
_chem_comp_atom.pdbx_aromatic_flag 
_chem_comp_atom.pdbx_stereo_config 
_chem_comp_atom.pdbx_ordinal 
AIB N    N N N 1   
AIB CA   C N N 2   
AIB C    C N N 3   
AIB O    O N N 4   
AIB OXT  O N N 5   
AIB CB1  C N N 6   
AIB CB2  C N N 7   
AIB H    H N N 8   
AIB H2   H N N 9   
AIB HXT  H N N 10  
AIB HB11 H N N 11  
AIB HB12 H N N 12  
AIB HB13 H N N 13  
AIB HB21 H N N 14  
AIB HB22 H N N 15  
AIB HB23 H N N 16  
ALA N    N N N 17  
ALA CA   C N S 18  
ALA C    C N N 19  
ALA O    O N N 20  
ALA CB   C N N 21  
ALA OXT  O N N 22  
ALA H    H N N 23  
ALA H2   H N N 24  
ALA HA   H N N 25  
ALA HB1  H N N 26  
ALA HB2  H N N 27  
ALA HB3  H N N 28  
ALA HXT  H N N 29  
GLN N    N N N 30  
GLN CA   C N S 31  
GLN C    C N N 32  
GLN O    O N N 33  
GLN CB   C N N 34  
GLN CG   C N N 35  
GLN CD   C N N 36  
GLN OE1  O N N 37  
GLN NE2  N N N 38  
GLN OXT  O N N 39  
GLN H    H N N 40  
GLN H2   H N N 41  
GLN HA   H N N 42  
GLN HB2  H N N 43  
GLN HB3  H N N 44  
GLN HG2  H N N 45  
GLN HG3  H N N 46  
GLN HE21 H N N 47  
GLN HE22 H N N 48  
GLN HXT  H N N 49  
HOH O    O N N 50  
HOH H1   H N N 51  
HOH H2   H N N 52  
I6W C05  C Y N 53  
I6W C08  C Y N 54  
I6W C09  C Y N 55  
I6W N10  N Y N 56  
I6W C02  C N N 57  
I6W C03  C Y N 58  
I6W C04  C Y N 59  
I6W C06  C Y N 60  
I6W C11  C Y N 61  
I6W C12  C Y N 62  
I6W C13  C N N 63  
I6W C15  C N N 64  
I6W C16  C N N 65  
I6W C18  C Y N 66  
I6W C19  C Y N 67  
I6W N07  N Y N 68  
I6W O01  O N N 69  
I6W O14  O N N 70  
I6W O17  O N N 71  
I6W H051 H N N 72  
I6W H1   H N N 73  
I6W H041 H N N 74  
I6W H061 H N N 75  
I6W H111 H N N 76  
I6W H152 H N N 77  
I6W H151 H N N 78  
I6W H162 H N N 79  
I6W H163 H N N 80  
I6W H161 H N N 81  
I6W H181 H N N 82  
I6W H191 H N N 83  
I77 C11  C Y N 84  
I77 C12  C Y N 85  
I77 C13  C N N 86  
I77 C17  C Y N 87  
I77 C18  C Y N 88  
I77 C02  C N N 89  
I77 C03  C Y N 90  
I77 C04  C Y N 91  
I77 C05  C Y N 92  
I77 C06  C Y N 93  
I77 C08  C Y N 94  
I77 C09  C Y N 95  
I77 N01  N N N 96  
I77 N07  N Y N 97  
I77 N10  N Y N 98  
I77 N14  N N N 99  
I77 N15  N N N 100 
I77 O16  O N N 101 
I77 O19  O N N 102 
I77 H111 H N N 103 
I77 H171 H N N 104 
I77 H181 H N N 105 
I77 H041 H N N 106 
I77 H051 H N N 107 
I77 H061 H N N 108 
I77 H011 H N N 109 
I77 H012 H N N 110 
I77 H141 H N N 111 
I77 H1   H N N 112 
I77 H2   H N N 113 
LEU N    N N N 114 
LEU CA   C N S 115 
LEU C    C N N 116 
LEU O    O N N 117 
LEU CB   C N N 118 
LEU CG   C N N 119 
LEU CD1  C N N 120 
LEU CD2  C N N 121 
LEU OXT  O N N 122 
LEU H    H N N 123 
LEU H2   H N N 124 
LEU HA   H N N 125 
LEU HB2  H N N 126 
LEU HB3  H N N 127 
LEU HG   H N N 128 
LEU HD11 H N N 129 
LEU HD12 H N N 130 
LEU HD13 H N N 131 
LEU HD21 H N N 132 
LEU HD22 H N N 133 
LEU HD23 H N N 134 
LEU HXT  H N N 135 
TRP N    N N N 136 
TRP CA   C N S 137 
TRP C    C N N 138 
TRP O    O N N 139 
TRP CB   C N N 140 
TRP CG   C Y N 141 
TRP CD1  C Y N 142 
TRP CD2  C Y N 143 
TRP NE1  N Y N 144 
TRP CE2  C Y N 145 
TRP CE3  C Y N 146 
TRP CZ2  C Y N 147 
TRP CZ3  C Y N 148 
TRP CH2  C Y N 149 
TRP OXT  O N N 150 
TRP H    H N N 151 
TRP H2   H N N 152 
TRP HA   H N N 153 
TRP HB2  H N N 154 
TRP HB3  H N N 155 
TRP HD1  H N N 156 
TRP HE1  H N N 157 
TRP HE3  H N N 158 
TRP HZ2  H N N 159 
TRP HZ3  H N N 160 
TRP HH2  H N N 161 
TRP HXT  H N N 162 
# 
loop_
_chem_comp_bond.comp_id 
_chem_comp_bond.atom_id_1 
_chem_comp_bond.atom_id_2 
_chem_comp_bond.value_order 
_chem_comp_bond.pdbx_aromatic_flag 
_chem_comp_bond.pdbx_stereo_config 
_chem_comp_bond.pdbx_ordinal 
AIB N   CA   sing N N 1   
AIB N   H    sing N N 2   
AIB N   H2   sing N N 3   
AIB CA  C    sing N N 4   
AIB CA  CB1  sing N N 5   
AIB CA  CB2  sing N N 6   
AIB C   O    doub N N 7   
AIB C   OXT  sing N N 8   
AIB OXT HXT  sing N N 9   
AIB CB1 HB11 sing N N 10  
AIB CB1 HB12 sing N N 11  
AIB CB1 HB13 sing N N 12  
AIB CB2 HB21 sing N N 13  
AIB CB2 HB22 sing N N 14  
AIB CB2 HB23 sing N N 15  
ALA N   CA   sing N N 16  
ALA N   H    sing N N 17  
ALA N   H2   sing N N 18  
ALA CA  C    sing N N 19  
ALA CA  CB   sing N N 20  
ALA CA  HA   sing N N 21  
ALA C   O    doub N N 22  
ALA C   OXT  sing N N 23  
ALA CB  HB1  sing N N 24  
ALA CB  HB2  sing N N 25  
ALA CB  HB3  sing N N 26  
ALA OXT HXT  sing N N 27  
GLN N   CA   sing N N 28  
GLN N   H    sing N N 29  
GLN N   H2   sing N N 30  
GLN CA  C    sing N N 31  
GLN CA  CB   sing N N 32  
GLN CA  HA   sing N N 33  
GLN C   O    doub N N 34  
GLN C   OXT  sing N N 35  
GLN CB  CG   sing N N 36  
GLN CB  HB2  sing N N 37  
GLN CB  HB3  sing N N 38  
GLN CG  CD   sing N N 39  
GLN CG  HG2  sing N N 40  
GLN CG  HG3  sing N N 41  
GLN CD  OE1  doub N N 42  
GLN CD  NE2  sing N N 43  
GLN NE2 HE21 sing N N 44  
GLN NE2 HE22 sing N N 45  
GLN OXT HXT  sing N N 46  
HOH O   H1   sing N N 47  
HOH O   H2   sing N N 48  
I6W O01 C02  doub N N 49  
I6W C02 C03  sing N N 50  
I6W C03 C06  doub Y N 51  
I6W C03 C04  sing Y N 52  
I6W C06 N07  sing Y N 53  
I6W C04 C05  doub Y N 54  
I6W N07 C08  doub Y N 55  
I6W C05 C08  sing Y N 56  
I6W C08 C09  sing N N 57  
I6W C09 C19  doub Y N 58  
I6W C09 N10  sing Y N 59  
I6W C19 C18  sing Y N 60  
I6W N10 C11  doub Y N 61  
I6W C18 C12  doub Y N 62  
I6W C11 C12  sing Y N 63  
I6W C12 C13  sing N N 64  
I6W C13 O17  doub N N 65  
I6W C13 O14  sing N N 66  
I6W O14 C15  sing N N 67  
I6W C15 C16  sing N N 68  
I6W C05 H051 sing N N 69  
I6W C02 H1   sing N N 70  
I6W C04 H041 sing N N 71  
I6W C06 H061 sing N N 72  
I6W C11 H111 sing N N 73  
I6W C15 H152 sing N N 74  
I6W C15 H151 sing N N 75  
I6W C16 H162 sing N N 76  
I6W C16 H163 sing N N 77  
I6W C16 H161 sing N N 78  
I6W C18 H181 sing N N 79  
I6W C19 H191 sing N N 80  
I77 N15 N14  sing N N 81  
I77 O16 C13  doub N N 82  
I77 N14 C13  sing N N 83  
I77 C13 C12  sing N N 84  
I77 C12 C17  doub Y N 85  
I77 C12 C11  sing Y N 86  
I77 C17 C18  sing Y N 87  
I77 C11 N10  doub Y N 88  
I77 C18 C09  doub Y N 89  
I77 N10 C09  sing Y N 90  
I77 C09 C08  sing N N 91  
I77 C08 N07  doub Y N 92  
I77 C08 C05  sing Y N 93  
I77 N07 C06  sing Y N 94  
I77 C05 C04  doub Y N 95  
I77 C06 C03  doub Y N 96  
I77 C04 C03  sing Y N 97  
I77 C03 C02  sing N N 98  
I77 C02 N01  sing N N 99  
I77 C02 O19  doub N N 100 
I77 C11 H111 sing N N 101 
I77 C17 H171 sing N N 102 
I77 C18 H181 sing N N 103 
I77 C04 H041 sing N N 104 
I77 C05 H051 sing N N 105 
I77 C06 H061 sing N N 106 
I77 N01 H011 sing N N 107 
I77 N01 H012 sing N N 108 
I77 N14 H141 sing N N 109 
I77 N15 H1   sing N N 110 
I77 N15 H2   sing N N 111 
LEU N   CA   sing N N 112 
LEU N   H    sing N N 113 
LEU N   H2   sing N N 114 
LEU CA  C    sing N N 115 
LEU CA  CB   sing N N 116 
LEU CA  HA   sing N N 117 
LEU C   O    doub N N 118 
LEU C   OXT  sing N N 119 
LEU CB  CG   sing N N 120 
LEU CB  HB2  sing N N 121 
LEU CB  HB3  sing N N 122 
LEU CG  CD1  sing N N 123 
LEU CG  CD2  sing N N 124 
LEU CG  HG   sing N N 125 
LEU CD1 HD11 sing N N 126 
LEU CD1 HD12 sing N N 127 
LEU CD1 HD13 sing N N 128 
LEU CD2 HD21 sing N N 129 
LEU CD2 HD22 sing N N 130 
LEU CD2 HD23 sing N N 131 
LEU OXT HXT  sing N N 132 
TRP N   CA   sing N N 133 
TRP N   H    sing N N 134 
TRP N   H2   sing N N 135 
TRP CA  C    sing N N 136 
TRP CA  CB   sing N N 137 
TRP CA  HA   sing N N 138 
TRP C   O    doub N N 139 
TRP C   OXT  sing N N 140 
TRP CB  CG   sing N N 141 
TRP CB  HB2  sing N N 142 
TRP CB  HB3  sing N N 143 
TRP CG  CD1  doub Y N 144 
TRP CG  CD2  sing Y N 145 
TRP CD1 NE1  sing Y N 146 
TRP CD1 HD1  sing N N 147 
TRP CD2 CE2  doub Y N 148 
TRP CD2 CE3  sing Y N 149 
TRP NE1 CE2  sing Y N 150 
TRP NE1 HE1  sing N N 151 
TRP CE2 CZ2  sing Y N 152 
TRP CE3 CZ3  doub Y N 153 
TRP CE3 HE3  sing N N 154 
TRP CZ2 CH2  doub Y N 155 
TRP CZ2 HZ2  sing N N 156 
TRP CZ3 CH2  sing Y N 157 
TRP CZ3 HZ3  sing N N 158 
TRP CH2 HH2  sing N N 159 
TRP OXT HXT  sing N N 160 
# 
_pdbx_audit_support.funding_organization   'Department of Energy (DOE, United States)' 
_pdbx_audit_support.country                'United States' 
_pdbx_audit_support.grant_number           DE-AC02-06CH11357 
_pdbx_audit_support.ordinal                1 
# 
loop_
_pdbx_entity_instance_feature.ordinal 
_pdbx_entity_instance_feature.comp_id 
_pdbx_entity_instance_feature.asym_id 
_pdbx_entity_instance_feature.seq_num 
_pdbx_entity_instance_feature.auth_comp_id 
_pdbx_entity_instance_feature.auth_asym_id 
_pdbx_entity_instance_feature.auth_seq_num 
_pdbx_entity_instance_feature.feature_type 
_pdbx_entity_instance_feature.details 
1 I6W ? ? I6W ? ? 'SUBJECT OF INVESTIGATION' ? 
2 I77 ? ? I77 ? ? 'SUBJECT OF INVESTIGATION' ? 
3 AIB ? ? AIB ? ? 'SUBJECT OF INVESTIGATION' ? 
# 
_pdbx_initial_refinement_model.id               1 
_pdbx_initial_refinement_model.entity_id_list   ? 
_pdbx_initial_refinement_model.type             'experimental model' 
_pdbx_initial_refinement_model.source_name      PDB 
_pdbx_initial_refinement_model.accession_code   7TLS 
_pdbx_initial_refinement_model.details          ? 
# 
_space_group.name_H-M_alt     'P 2 21 21' 
_space_group.name_Hall        'P 2 2ab (z,x,y)' 
_space_group.IT_number        18 
_space_group.crystal_system   orthorhombic 
_space_group.id               1 
# 
_atom_sites.entry_id                    8V56 
_atom_sites.Cartn_transf_matrix[1][1]   ? 
_atom_sites.Cartn_transf_matrix[1][2]   ? 
_atom_sites.Cartn_transf_matrix[1][3]   ? 
_atom_sites.Cartn_transf_matrix[2][1]   ? 
_atom_sites.Cartn_transf_matrix[2][2]   ? 
_atom_sites.Cartn_transf_matrix[2][3]   ? 
_atom_sites.Cartn_transf_matrix[3][1]   ? 
_atom_sites.Cartn_transf_matrix[3][2]   ? 
_atom_sites.Cartn_transf_matrix[3][3]   ? 
_atom_sites.Cartn_transf_vector[1]      ? 
_atom_sites.Cartn_transf_vector[2]      ? 
_atom_sites.Cartn_transf_vector[3]      ? 
_atom_sites.Cartn_transform_axes        ? 
_atom_sites.fract_transf_matrix[1][1]   0.05135630 
_atom_sites.fract_transf_matrix[1][2]   0.01390840 
_atom_sites.fract_transf_matrix[1][3]   -0.02869092 
_atom_sites.fract_transf_matrix[2][1]   0.01718753 
_atom_sites.fract_transf_matrix[2][2]   -0.04496600 
_atom_sites.fract_transf_matrix[2][3]   0.00896741 
_atom_sites.fract_transf_matrix[3][1]   -0.00696124 
_atom_sites.fract_transf_matrix[3][2]   -0.00569649 
_atom_sites.fract_transf_matrix[3][3]   -0.01522199 
_atom_sites.fract_transf_vector[1]      0.178996 
_atom_sites.fract_transf_vector[2]      0.040083 
_atom_sites.fract_transf_vector[3]      0.161627 
_atom_sites.solution_primary            ? 
_atom_sites.solution_secondary          ? 
_atom_sites.solution_hydrogens          ? 
_atom_sites.special_details             ? 
# 
loop_
_atom_type.symbol 
_atom_type.scat_dispersion_real 
_atom_type.scat_dispersion_imag 
_atom_type.scat_Cromer_Mann_a1 
_atom_type.scat_Cromer_Mann_a2 
_atom_type.scat_Cromer_Mann_a3 
_atom_type.scat_Cromer_Mann_a4 
_atom_type.scat_Cromer_Mann_b1 
_atom_type.scat_Cromer_Mann_b2 
_atom_type.scat_Cromer_Mann_b3 
_atom_type.scat_Cromer_Mann_b4 
_atom_type.scat_Cromer_Mann_c 
_atom_type.scat_source 
_atom_type.scat_dispersion_source 
C ? ? 2.51340 1.74867 1.72398 ? 31.80534 0.44561  10.58317 ? 0.0 
;3-Gaussian fit: Grosse-Kunstleve RW, Sauter NK, Adams PD: Newsletter of the IUCr Commission on Crystallographic Computing 2004, 3, 22-31.
;
? 
H ? ? 0.53795 0.34799 0.11320 ? 10.08003 29.74760 2.57510  ? 0.0 
;3-Gaussian fit: Grosse-Kunstleve RW, Sauter NK, Adams PD: Newsletter of the IUCr Commission on Crystallographic Computing 2004, 3, 22-31.
;
? 
N ? ? 2.99955 2.25584 1.72788 ? 23.27268 7.45433  0.31622  ? 0.0 
;3-Gaussian fit: Grosse-Kunstleve RW, Sauter NK, Adams PD: Newsletter of the IUCr Commission on Crystallographic Computing 2004, 3, 22-31.
;
? 
O ? ? 4.49882 3.47563 ?       ? 15.80542 1.70748  ?        ? 0.0 
;2-Gaussian fit: Grosse-Kunstleve RW, Sauter NK, Adams PD: Newsletter of the IUCr Commission on Crystallographic Computing 2004, 3, 22-31.
;
? 
# 
loop_
_atom_site.group_PDB 
_atom_site.id 
_atom_site.type_symbol 
_atom_site.label_atom_id 
_atom_site.label_alt_id 
_atom_site.label_comp_id 
_atom_site.label_asym_id 
_atom_site.label_entity_id 
_atom_site.label_seq_id 
_atom_site.pdbx_PDB_ins_code 
_atom_site.Cartn_x 
_atom_site.Cartn_y 
_atom_site.Cartn_z 
_atom_site.occupancy 
_atom_site.B_iso_or_equiv 
_atom_site.pdbx_formal_charge 
_atom_site.auth_seq_id 
_atom_site.auth_comp_id 
_atom_site.auth_asym_id 
_atom_site.auth_atom_id 
_atom_site.pdbx_PDB_model_num 
HETATM 1   C C05  A I6W A 1 1  ? 8.70129   2.31555   -0.20225 0.649 6.38364  ? 1   I6W A C05  1 
HETATM 2   C C05  B I6W A 1 1  ? 8.81176   2.30026   -0.25788 0.351 11.40995 ? 1   I6W A C05  1 
HETATM 3   C C08  A I6W A 1 1  ? 9.95513   2.61349   -0.62377 0.649 6.78389  ? 1   I6W A C08  1 
HETATM 4   C C08  B I6W A 1 1  ? 9.99741   2.54421   -0.88665 0.351 12.98142 ? 1   I6W A C08  1 
HETATM 5   C C09  A I6W A 1 1  ? 10.91393  3.24136   0.37272  0.649 6.90894  ? 1   I6W A C09  1 
HETATM 6   C C09  B I6W A 1 1  ? 11.14564  3.25464   -0.19679 0.351 15.04317 ? 1   I6W A C09  1 
HETATM 7   N N10  A I6W A 1 1  ? 10.53372  3.43797   1.62252  0.649 8.20353  ? 1   I6W A N10  1 
HETATM 8   N N10  B I6W A 1 1  ? 11.06658  3.62912   1.05417  0.351 16.43452 ? 1   I6W A N10  1 
HETATM 9   C C02  A I6W A 1 1  ? 7.23506   0.69704   -3.28630 0.649 6.68239  ? 1   I6W A C02  1 
HETATM 10  C C02  B I6W A 1 1  ? 7.01975   0.46313   -3.08186 0.351 6.28245  ? 1   I6W A C02  1 
HETATM 11  C C03  A I6W A 1 1  ? 8.23561   1.38824   -2.35459 0.649 6.29937  ? 1   I6W A C03  1 
HETATM 12  C C03  B I6W A 1 1  ? 8.07028   1.22348   -2.25938 0.351 8.55187  ? 1   I6W A C03  1 
HETATM 13  C C04  A I6W A 1 1  ? 7.80581   1.69663   -1.08296 0.649 6.76493  ? 1   I6W A C04  1 
HETATM 14  C C04  B I6W A 1 1  ? 7.80008   1.61692   -0.95759 0.351 10.50254 ? 1   I6W A C04  1 
HETATM 15  C C06  A I6W A 1 1  ? 9.53232   1.68741   -2.73513 0.649 7.30677  ? 1   I6W A C06  1 
HETATM 16  C C06  B I6W A 1 1  ? 9.29136   1.49343   -2.82695 0.351 10.19635 ? 1   I6W A C06  1 
HETATM 17  C C11  A I6W A 1 1  ? 11.37050  3.93744   2.51121  0.649 7.65118  ? 1   I6W A C11  1 
HETATM 18  C C11  B I6W A 1 1  ? 12.07239  4.22705   1.65667  0.351 17.22878 ? 1   I6W A C11  1 
HETATM 19  C C12  A I6W A 1 1  ? 12.66414  4.23109   2.14805  0.649 8.31784  ? 1   I6W A C12  1 
HETATM 20  C C12  B I6W A 1 1  ? 13.25136  4.46257   0.96931  0.351 17.55739 ? 1   I6W A C12  1 
HETATM 21  C C13  A I6W A 1 1  ? 13.65525  4.80660   3.17601  0.649 10.45501 ? 1   I6W A C13  1 
HETATM 22  C C13  B I6W A 1 1  ? 14.45409  5.16564   1.66449  0.351 18.29696 ? 1   I6W A C13  1 
HETATM 23  C C15  A I6W A 1 1  ? 15.74108  5.79333   3.63190  0.649 16.59608 ? 1   I6W A C15  1 
HETATM 24  C C15  B I6W A 1 1  ? 16.43899  5.09241   0.34025  0.351 20.61807 ? 1   I6W A C15  1 
HETATM 25  C C16  A I6W A 1 1  ? 17.04063  6.25597   2.93469  0.649 18.15519 ? 1   I6W A C16  1 
HETATM 26  C C16  B I6W A 1 1  ? 16.78495  5.64215   -1.06050 0.351 20.93108 ? 1   I6W A C16  1 
HETATM 27  C C18  A I6W A 1 1  ? 13.09171  4.01887   0.86528  0.649 7.84904  ? 1   I6W A C18  1 
HETATM 28  C C18  B I6W A 1 1  ? 13.37518  4.07130   -0.33640 0.351 16.83038 ? 1   I6W A C18  1 
HETATM 29  C C19  A I6W A 1 1  ? 12.19896  3.49057   -0.04729 0.649 6.80102  ? 1   I6W A C19  1 
HETATM 30  C C19  B I6W A 1 1  ? 12.29013  3.44629   -0.93193 0.351 15.78819 ? 1   I6W A C19  1 
HETATM 31  N N07  A I6W A 1 1  ? 10.34614  2.29393   -1.86281 0.649 7.77706  ? 1   I6W A N07  1 
HETATM 32  N N07  B I6W A 1 1  ? 10.20996  2.13951   -2.13361 0.351 12.19787 ? 1   I6W A N07  1 
HETATM 33  O O01  A I6W A 1 1  ? 6.04505   0.88287   -3.20745 0.649 7.49951  ? 1   I6W A O01  1 
HETATM 34  O O01  B I6W A 1 1  ? 5.96125   0.96318   -3.35483 0.351 7.17676  ? 1   I6W A O01  1 
HETATM 35  O O14  A I6W A 1 1  ? 14.86388  5.27695   2.62899  0.649 14.01912 ? 1   I6W A O14  1 
HETATM 36  O O14  B I6W A 1 1  ? 15.38009  5.90128   0.87471  0.351 19.70275 ? 1   I6W A O14  1 
HETATM 37  O O17  A I6W A 1 1  ? 13.42968  4.82604   4.32646  0.649 10.60058 ? 1   I6W A O17  1 
HETATM 38  O O17  B I6W A 1 1  ? 14.59396  5.06985   2.82296  0.351 17.61134 ? 1   I6W A O17  1 
HETATM 39  H H051 A I6W A 1 1  ? 8.39919   2.55145   0.79460  0.649 7.64617  ? 1   I6W A H051 1 
HETATM 40  H H051 B I6W A 1 1  ? 8.65437   2.62247   0.74811  0.351 13.67775 ? 1   I6W A H051 1 
HETATM 41  H H041 A I6W A 1 1  ? 6.76046   1.45678   -0.76030 0.649 8.10372  ? 1   I6W A H041 1 
HETATM 42  H H041 B I6W A 1 1  ? 6.81083   1.39816   -0.48019 0.351 12.58885 ? 1   I6W A H041 1 
HETATM 43  H H061 A I6W A 1 1  ? 9.88489   1.43271   -3.73023 0.649 8.75393  ? 1   I6W A H061 1 
HETATM 44  H H061 B I6W A 1 1  ? 9.50024   1.17575   -3.84422 0.351 12.22142 ? 1   I6W A H061 1 
HETATM 45  H H111 A I6W A 1 1  ? 11.04475  4.11339   3.50979  0.649 9.16721  ? 1   I6W A H111 1 
HETATM 46  H H111 B I6W A 1 1  ? 11.97975  4.53004   2.67344  0.351 20.66034 ? 1   I6W A H111 1 
HETATM 47  H H152 A I6W A 1 1  ? 15.96801  5.01957   4.35487  0.649 19.90110 ? 1   I6W A H152 1 
HETATM 48  H H152 B I6W A 1 1  ? 16.11241  4.06283   0.26153  0.351 24.72748 ? 1   I6W A H152 1 
HETATM 49  H H151 A I6W A 1 1  ? 15.27374  6.63296   4.13140  0.649 19.90110 ? 1   I6W A H151 1 
HETATM 50  H H151 B I6W A 1 1  ? 17.30806  5.15081   0.98383  0.351 24.72748 ? 1   I6W A H151 1 
HETATM 51  H H162 A I6W A 1 1  ? 16.99010  6.00585   1.85852  0.649 21.77204 ? 1   I6W A H162 1 
HETATM 52  H H162 B I6W A 1 1  ? 17.86347  5.49608   -1.25719 0.351 25.10310 ? 1   I6W A H162 1 
HETATM 53  H H163 A I6W A 1 1  ? 17.90680  5.74296   3.39272  0.649 21.77204 ? 1   I6W A H163 1 
HETATM 54  H H163 B I6W A 1 1  ? 16.19399  5.10259   -1.82396 0.351 25.10310 ? 1   I6W A H163 1 
HETATM 55  H H161 A I6W A 1 1  ? 17.15346  7.34963   3.05467  0.649 21.77204 ? 1   I6W A H161 1 
HETATM 56  H H161 B I6W A 1 1  ? 16.54482  6.72096   -1.10216 0.351 25.10310 ? 1   I6W A H161 1 
HETATM 57  H H181 A I6W A 1 1  ? 14.11256  4.26067   0.56947  0.649 9.40465  ? 1   I6W A H181 1 
HETATM 58  H H181 B I6W A 1 1  ? 14.29705  4.24502   -0.89144 0.351 20.18226 ? 1   I6W A H181 1 
HETATM 59  H H191 A I6W A 1 1  ? 12.50448  3.27778   -1.06961 0.649 8.14703  ? 1   I6W A H191 1 
HETATM 60  H H191 B I6W A 1 1  ? 12.34449  3.11266   -1.96609 0.351 18.93163 ? 1   I6W A H191 1 
ATOM   61  N N    . LEU A 1 2  ? 7.72650   -0.52379  -3.83766 1.000 6.85406  ? 2   LEU A N    1 
ATOM   62  C CA   . LEU A 1 2  ? 6.88946   -1.33917  -4.68888 1.000 6.56580  ? 2   LEU A CA   1 
ATOM   63  C C    . LEU A 1 2  ? 6.54344   -2.64418  -3.95184 1.000 6.14295  ? 2   LEU A C    1 
ATOM   64  O O    . LEU A 1 2  ? 5.44596   -2.77835  -3.38842 1.000 6.44165  ? 2   LEU A O    1 
ATOM   65  C CB   . LEU A 1 2  ? 7.59765   -1.59215  -6.02025 1.000 6.70131  ? 2   LEU A CB   1 
ATOM   66  C CG   . LEU A 1 2  ? 6.84760   -2.41606  -7.04890 1.000 7.78871  ? 2   LEU A CG   1 
ATOM   67  C CD1  . LEU A 1 2  ? 5.57421   -1.71726  -7.47664 1.000 10.15333 ? 2   LEU A CD1  1 
ATOM   68  C CD2  . LEU A 1 2  ? 7.73185   -2.66334  -8.24620 1.000 9.59925  ? 2   LEU A CD2  1 
ATOM   69  H H    . LEU A 1 2  ? 8.47560   -0.89046  -3.62945 1.000 8.21067  ? 2   LEU A H    1 
ATOM   70  H HA   . LEU A 1 2  ? 6.05514   -0.89340  -4.90357 1.000 7.86476  ? 2   LEU A HA   1 
ATOM   71  H HB2  . LEU A 1 2  ? 7.78482   -0.73198  -6.42764 1.000 8.02738  ? 2   LEU A HB2  1 
ATOM   72  H HB3  . LEU A 1 2  ? 8.42747   -2.05851  -5.83374 1.000 8.02738  ? 2   LEU A HB3  1 
ATOM   73  H HG   . LEU A 1 2  ? 6.60132   -3.26789  -6.65567 1.000 9.33225  ? 2   LEU A HG   1 
ATOM   74  H HD11 . LEU A 1 2  ? 5.16821   -2.21690  -8.20218 1.000 12.16979 ? 2   LEU A HD11 1 
ATOM   75  H HD12 . LEU A 1 2  ? 4.96663   -1.67790  -6.72151 1.000 12.16979 ? 2   LEU A HD12 1 
ATOM   76  H HD13 . LEU A 1 2  ? 5.79105   -0.81972  -7.77383 1.000 12.16979 ? 2   LEU A HD13 1 
ATOM   77  H HD21 . LEU A 1 2  ? 7.23765   -3.17875  -8.90272 1.000 11.50490 ? 2   LEU A HD21 1 
ATOM   78  H HD22 . LEU A 1 2  ? 7.99556   -1.81044  -8.62557 1.000 11.50490 ? 2   LEU A HD22 1 
ATOM   79  H HD23 . LEU A 1 2  ? 8.51759   -3.15610  -7.96211 1.000 11.50490 ? 2   LEU A HD23 1 
HETATM 80  N N    . AIB A 1 3  ? 7.49079   -3.58055  -3.91230 1.000 6.42481  ? 3   AIB A N    1 
HETATM 81  C CA   . AIB A 1 3  ? 7.29191   -4.85540  -3.23894 1.000 6.65649  ? 3   AIB A CA   1 
HETATM 82  C C    . AIB A 1 3  ? 6.79317   -4.65073  -1.78790 1.000 6.37244  ? 3   AIB A C    1 
HETATM 83  O O    . AIB A 1 3  ? 5.86450   -5.29981  -1.29375 1.000 6.83075  ? 3   AIB A O    1 
HETATM 84  C CB1  . AIB A 1 3  ? 6.25717   -5.71553  -3.99132 1.000 7.66552  ? 3   AIB A CB1  1 
HETATM 85  C CB2  . AIB A 1 3  ? 8.62324   -5.62283  -3.15174 1.000 7.17895  ? 3   AIB A CB2  1 
HETATM 86  H H    . AIB A 1 3  ? 8.23126   -3.65892  -4.58129 1.000 7.69558  ? 3   AIB A H    1 
HETATM 87  H HB11 . AIB A 1 3  ? 6.66046   -5.99964  -4.99237 1.000 9.18442  ? 3   AIB A HB11 1 
HETATM 88  H HB12 . AIB A 1 3  ? 5.31297   -5.13613  -4.12635 1.000 9.18442  ? 3   AIB A HB12 1 
HETATM 89  H HB13 . AIB A 1 3  ? 6.04019   -6.64082  -3.40633 1.000 9.18442  ? 3   AIB A HB13 1 
HETATM 90  H HB21 . AIB A 1 3  ? 8.48459   -6.52116  -2.50254 1.000 8.60054  ? 3   AIB A HB21 1 
HETATM 91  H HB22 . AIB A 1 3  ? 9.40208   -4.95336  -2.71253 1.000 8.60054  ? 3   AIB A HB22 1 
HETATM 92  H HB23 . AIB A 1 3  ? 8.92958   -5.93959  -4.17814 1.000 8.60054  ? 3   AIB A HB23 1 
ATOM   93  N N    . ALA A 1 4  ? 7.43979   -3.70268  -1.10802 1.000 6.45880  ? 4   ALA A N    1 
ATOM   94  C CA   . ALA A 1 4  ? 7.19520   -3.49262  0.31392  1.000 7.50530  ? 4   ALA A CA   1 
ATOM   95  C C    . ALA A 1 4  ? 5.78154   -2.98827  0.56950  1.000 7.34450  ? 4   ALA A C    1 
ATOM   96  O O    . ALA A 1 4  ? 5.18037   -3.30673  1.59889  1.000 8.77913  ? 4   ALA A O    1 
ATOM   97  C CB   . ALA A 1 4  ? 8.19283   -2.51852  0.87819  1.000 8.41457  ? 4   ALA A CB   1 
ATOM   98  H H    . ALA A 1 4  ? 8.02311   -3.17069  -1.44910 1.000 7.73636  ? 4   ALA A H    1 
ATOM   99  H HA   . ALA A 1 4  ? 7.29851   -4.34259  0.76972  1.000 8.99216  ? 4   ALA A HA   1 
ATOM   100 H HB1  . ALA A 1 4  ? 8.05155   -2.44021  1.83465  1.000 10.08329 ? 4   ALA A HB1  1 
ATOM   101 H HB2  . ALA A 1 4  ? 9.08863   -2.84618  0.70188  1.000 10.08329 ? 4   ALA A HB2  1 
ATOM   102 H HB3  . ALA A 1 4  ? 8.06668   -1.65562  0.45346  1.000 10.08329 ? 4   ALA A HB3  1 
ATOM   103 N N    . TRP A 1 5  ? 5.28323   -2.16341  -0.34916 1.000 6.64046  ? 5   TRP A N    1 
ATOM   104 C CA   . TRP A 1 5  ? 3.93930   -1.61180  -0.23509 1.000 6.95383  ? 5   TRP A CA   1 
ATOM   105 C C    . TRP A 1 5  ? 2.89113   -2.69822  -0.44900 1.000 5.91640  ? 5   TRP A C    1 
ATOM   106 O O    . TRP A 1 5  ? 1.96821   -2.86469  0.36343  1.000 6.04553  ? 5   TRP A O    1 
ATOM   107 C CB   . TRP A 1 5  ? 3.79556   -0.48466  -1.25867 1.000 7.36384  ? 5   TRP A CB   1 
ATOM   108 C CG   . TRP A 1 5  ? 2.39307   0.00389   -1.46821 1.000 6.90313  ? 5   TRP A CG   1 
ATOM   109 C CD1  . TRP A 1 5  ? 1.55893   0.53782   -0.52909 1.000 7.62068  ? 5   TRP A CD1  1 
ATOM   110 C CD2  . TRP A 1 5  ? 1.66401   0.01550   -2.70256 1.000 7.15316  ? 5   TRP A CD2  1 
ATOM   111 N NE1  . TRP A 1 5  ? 0.36372   0.88555   -1.10226 1.000 7.54161  ? 5   TRP A NE1  1 
ATOM   112 C CE2  . TRP A 1 5  ? 0.39101   0.56014   -2.43040 1.000 7.49358  ? 5   TRP A CE2  1 
ATOM   113 C CE3  . TRP A 1 5  ? 1.96602   -0.37742  -4.01000 1.000 8.85195  ? 5   TRP A CE3  1 
ATOM   114 C CZ2  . TRP A 1 5  ? -0.57609  0.72197   -3.41430 1.000 8.72509  ? 5   TRP A CZ2  1 
ATOM   115 C CZ3  . TRP A 1 5  ? 1.00752   -0.21463  -4.98421 1.000 9.84882  ? 5   TRP A CZ3  1 
ATOM   116 C CH2  . TRP A 1 5  ? -0.25422  0.32735   -4.68377 1.000 9.83513  ? 5   TRP A CH2  1 
ATOM   117 H H    . TRP A 1 5  ? 5.70626   -1.90624  -1.05238 1.000 7.95436  ? 5   TRP A H    1 
ATOM   118 H HA   . TRP A 1 5  ? 3.79537   -1.24500  0.65127  1.000 8.33040  ? 5   TRP A HA   1 
ATOM   119 H HB2  . TRP A 1 5  ? 4.32539   0.27104   -0.96019 1.000 8.82242  ? 5   TRP A HB2  1 
ATOM   120 H HB3  . TRP A 1 5  ? 4.12378   -0.80270  -2.11425 1.000 8.82242  ? 5   TRP A HB3  1 
ATOM   121 H HD1  . TRP A 1 5  ? 1.77093   0.64945   0.36952  1.000 9.13061  ? 5   TRP A HD1  1 
ATOM   122 H HE1  . TRP A 1 5  ? -0.29826  1.25039   -0.69204 1.000 9.03574  ? 5   TRP A HE1  1 
ATOM   123 H HE3  . TRP A 1 5  ? 2.79666   -0.74093  -4.21689 1.000 10.60814 ? 5   TRP A HE3  1 
ATOM   124 H HZ2  . TRP A 1 5  ? -1.40967  1.08440   -3.21762 1.000 10.45591 ? 5   TRP A HZ2  1 
ATOM   125 H HZ3  . TRP A 1 5  ? 1.19835   -0.46815  -5.85840 1.000 11.80439 ? 5   TRP A HZ3  1 
ATOM   126 H HH2  . TRP A 1 5  ? -0.88337  0.41953   -5.36242 1.000 11.78795 ? 5   TRP A HH2  1 
ATOM   127 N N    . LEU A 1 6  ? 3.01742   -3.45634  -1.52956 1.000 6.02032  ? 6   LEU A N    1 
ATOM   128 C CA   . LEU A 1 6  ? 2.02698   -4.48714  -1.80440 1.000 6.19924  ? 6   LEU A CA   1 
ATOM   129 C C    . LEU A 1 6  ? 1.95861   -5.51599  -0.67716 1.000 6.05017  ? 6   LEU A C    1 
ATOM   130 O O    . LEU A 1 6  ? 0.85916   -5.93799  -0.28824 1.000 6.36069  ? 6   LEU A O    1 
ATOM   131 C CB   . LEU A 1 6  ? 2.29429   -5.15487  -3.15389 1.000 6.52788  ? 6   LEU A CB   1 
ATOM   132 C CG   . LEU A 1 6  ? 2.07672   -4.24881  -4.36376 1.000 7.39267  ? 6   LEU A CG   1 
ATOM   133 C CD1  . LEU A 1 6  ? 2.45915   -4.99073  -5.62503 1.000 8.96865  ? 6   LEU A CD1  1 
ATOM   134 C CD2  . LEU A 1 6  ? 0.64241   -3.76503  -4.46333 1.000 8.21943  ? 6   LEU A CD2  1 
ATOM   135 H H    . LEU A 1 6  ? 3.65292   -3.39498  -2.10574 1.000 7.21018  ? 6   LEU A H    1 
ATOM   136 H HA   . LEU A 1 6  ? 1.15170   -4.07285  -1.86053 1.000 7.42490  ? 6   LEU A HA   1 
ATOM   137 H HB2  . LEU A 1 6  ? 3.21712   -5.45308  -3.17272 1.000 7.81926  ? 6   LEU A HB2  1 
ATOM   138 H HB3  . LEU A 1 6  ? 1.69819   -5.91463  -3.24522 1.000 7.81926  ? 6   LEU A HB3  1 
ATOM   139 H HG   . LEU A 1 6  ? 2.63611   -3.46285  -4.26258 1.000 8.85701  ? 6   LEU A HG   1 
ATOM   140 H HD11 . LEU A 1 6  ? 2.31777   -4.40939  -6.38855 1.000 10.74818 ? 6   LEU A HD11 1 
ATOM   141 H HD12 . LEU A 1 6  ? 3.39382   -5.24447  -5.57107 1.000 10.74818 ? 6   LEU A HD12 1 
ATOM   142 H HD13 . LEU A 1 6  ? 1.90542   -5.78307  -5.70555 1.000 10.74818 ? 6   LEU A HD13 1 
ATOM   143 H HD21 . LEU A 1 6  ? 0.52994   -3.27954  -5.29552 1.000 9.84912  ? 6   LEU A HD21 1 
ATOM   144 H HD22 . LEU A 1 6  ? 0.04851   -4.53174  -4.44480 1.000 9.84912  ? 6   LEU A HD22 1 
ATOM   145 H HD23 . LEU A 1 6  ? 0.45300   -3.18167  -3.71186 1.000 9.84912  ? 6   LEU A HD23 1 
HETATM 146 N N    . AIB A 1 7  ? 3.11199   -5.92531  -0.15541 1.000 5.78324  ? 7   AIB A N    1 
HETATM 147 C CA   . AIB A 1 7  ? 3.14416   -6.92974  0.87652  1.000 6.70210  ? 7   AIB A CA   1 
HETATM 148 C C    . AIB A 1 7  ? 2.26093   -6.56211  2.08828  1.000 6.37181  ? 7   AIB A C    1 
HETATM 149 O O    . AIB A 1 7  ? 1.65734   -7.41429  2.75705  1.000 7.31424  ? 7   AIB A O    1 
HETATM 150 C CB1  . AIB A 1 7  ? 2.67843   -8.30139  0.33846  1.000 7.21965  ? 7   AIB A CB1  1 
HETATM 151 C CB2  . AIB A 1 7  ? 4.57465   -7.06344  1.42302  1.000 7.20475  ? 7   AIB A CB2  1 
HETATM 152 H H    . AIB A 1 7  ? 3.99812   -5.86286  -0.61681 1.000 6.92570  ? 7   AIB A H    1 
HETATM 153 H HB11 . AIB A 1 7  ? 3.11563   -8.47703  -0.67320 1.000 8.64939  ? 7   AIB A HB11 1 
HETATM 154 H HB12 . AIB A 1 7  ? 1.56494   -8.31884  0.26579  1.000 8.64939  ? 7   AIB A HB12 1 
HETATM 155 H HB13 . AIB A 1 7  ? 3.01442   -9.11062  1.02965  1.000 8.64939  ? 7   AIB A HB13 1 
HETATM 156 H HB21 . AIB A 1 7  ? 4.62165   -7.94220  2.11098  1.000 8.63150  ? 7   AIB A HB21 1 
HETATM 157 H HB22 . AIB A 1 7  ? 4.84158   -6.13169  1.97824  1.000 8.63150  ? 7   AIB A HB22 1 
HETATM 158 H HB23 . AIB A 1 7  ? 5.27907   -7.21163  0.56889  1.000 8.63150  ? 7   AIB A HB23 1 
ATOM   159 N N    . GLN A 1 8  ? 2.20393   -5.26306  2.39162  1.000 6.68783  ? 8   GLN A N    1 
ATOM   160 C CA   . GLN A 1 8  ? 1.47825   -4.81681  3.58005  1.000 7.82968  ? 8   GLN A CA   1 
ATOM   161 C C    . GLN A 1 8  ? -0.01615  -5.09491  3.48872  1.000 6.85033  ? 8   GLN A C    1 
ATOM   162 O O    . GLN A 1 8  ? -0.69141  -5.17585  4.52518  1.000 7.52165  ? 8   GLN A O    1 
ATOM   163 C CB   . GLN A 1 8  ? 1.68997   -3.31881  3.84993  1.000 10.09286 ? 8   GLN A CB   1 
ATOM   164 C CG   . GLN A 1 8  ? 3.11954   -2.90507  4.15559  1.000 16.70854 ? 8   GLN A CG   1 
ATOM   165 C CD   . GLN A 1 8  ? 3.30750   -1.39227  4.11797  1.000 24.87921 ? 8   GLN A CD   1 
ATOM   166 O OE1  . GLN A 1 8  ? 2.62329   -0.68260  3.37822  1.000 26.45141 ? 8   GLN A OE1  1 
ATOM   167 N NE2  . GLN A 1 8  ? 4.25625   -0.89556  4.90480  1.000 28.69003 ? 8   GLN A NE2  1 
ATOM   168 H HA   . GLN A 1 8  ? 1.83672   -5.31833  4.32895  1.000 9.38141  ? 8   GLN A HA   1 
ATOM   169 H HB2  . GLN A 1 8  ? 1.40806   -2.82450  3.06437  1.000 12.09723 ? 8   GLN A HB2  1 
ATOM   170 H HB3  . GLN A 1 8  ? 1.14699   -3.06663  4.61312  1.000 12.09723 ? 8   GLN A HB3  1 
ATOM   171 H HG2  . GLN A 1 8  ? 3.35726   -3.21637  5.04299  1.000 20.03605 ? 8   GLN A HG2  1 
ATOM   172 H HG3  . GLN A 1 8  ? 3.71189   -3.29890  3.49611  1.000 20.03605 ? 8   GLN A HG3  1 
ATOM   173 H HE21 . GLN A 1 8  ? 4.72441   -1.42151  5.39854  1.000 34.41383 ? 8   GLN A HE21 1 
ATOM   174 H HE22 . GLN A 1 8  ? 4.40206   -0.04815  4.92023  1.000 34.41383 ? 8   GLN A HE22 1 
HETATM 175 N N    . AIB A 1 9  ? -0.53721  -5.24189  2.27399  1.000 6.62667  ? 9   AIB A N    1 
HETATM 176 C CA   . AIB A 1 9  ? -1.93531  -5.53916  2.09294  1.000 7.27383  ? 9   AIB A CA   1 
HETATM 177 C C    . AIB A 1 9  ? -2.35349  -6.83817  2.79984  1.000 6.95108  ? 9   AIB A C    1 
HETATM 178 O O    . AIB A 1 9  ? -3.51009  -7.02050  3.18885  1.000 7.42194  ? 9   AIB A O    1 
HETATM 179 C CB1  . AIB A 1 9  ? -2.80795  -4.36460  2.58325  1.000 7.66317  ? 9   AIB A CB1  1 
HETATM 180 C CB2  . AIB A 1 9  ? -2.19977  -5.77955  0.60898  1.000 8.55952  ? 9   AIB A CB2  1 
HETATM 181 H HB11 . AIB A 1 9  ? -2.29145  -3.39814  2.37194  1.000 9.18161  ? 9   AIB A HB11 1 
HETATM 182 H HB12 . AIB A 1 9  ? -2.98024  -4.45675  3.68201  1.000 9.18161  ? 9   AIB A HB12 1 
HETATM 183 H HB13 . AIB A 1 9  ? -3.79066  -4.37948  2.05456  1.000 9.18161  ? 9   AIB A HB13 1 
HETATM 184 H HB21 . AIB A 1 9  ? -3.29959  -5.88906  0.44752  1.000 10.25723 ? 9   AIB A HB21 1 
HETATM 185 H HB22 . AIB A 1 9  ? -1.67446  -6.71276  0.29134  1.000 10.25723 ? 9   AIB A HB22 1 
HETATM 186 H HB23 . AIB A 1 9  ? -1.81481  -4.90919  0.02420  1.000 10.25723 ? 9   AIB A HB23 1 
ATOM   187 N N    . LEU A 1 10 ? -1.38182  -7.74947  2.94429  1.000 6.76843  ? 10  LEU A N    1 
ATOM   188 C CA   . LEU A 1 10 ? -1.61243  -9.04902  3.58515  1.000 6.83173  ? 10  LEU A CA   1 
ATOM   189 C C    . LEU A 1 10 ? -1.38842  -9.01303  5.08656  1.000 8.19223  ? 10  LEU A C    1 
ATOM   190 O O    . LEU A 1 10 ? -1.34388  -10.02139 5.77517  1.000 10.03372 ? 10  LEU A O    1 
ATOM   191 C CB   . LEU A 1 10 ? -0.71918  -10.11463 2.96260  1.000 7.08680  ? 10  LEU A CB   1 
ATOM   192 C CG   . LEU A 1 10 ? -1.04433  -10.46695 1.51424  1.000 7.75370  ? 10  LEU A CG   1 
ATOM   193 C CD1  . LEU A 1 10 ? -0.01196  -11.46034 0.97238  1.000 8.27732  ? 10  LEU A CD1  1 
ATOM   194 C CD2  . LEU A 1 10 ? -2.44657  -11.02885 1.37481  1.000 9.41389  ? 10  LEU A CD2  1 
ATOM   195 H HA   . LEU A 1 10 ? -2.54144  -9.28730  3.44005  1.000 8.18388  ? 10  LEU A HA   1 
ATOM   196 H HB2  . LEU A 1 10 ? 0.19722   -9.79752  2.98623  1.000 8.48996  ? 10  LEU A HB2  1 
ATOM   197 H HB3  . LEU A 1 10 ? -0.80260  -10.92733 3.48552  1.000 8.48996  ? 10  LEU A HB3  1 
ATOM   198 H HG   . LEU A 1 10 ? -1.00815  -9.65549  0.98401  1.000 9.29025  ? 10  LEU A HG   1 
ATOM   199 H HD11 . LEU A 1 10 ? -0.27308  -11.73093 0.07823  1.000 9.91859  ? 10  LEU A HD11 1 
ATOM   200 H HD12 . LEU A 1 10 ? 0.85717   -11.03036 0.94728  1.000 9.91859  ? 10  LEU A HD12 1 
ATOM   201 H HD13 . LEU A 1 10 ? 0.01857   -12.23415 1.55648  1.000 9.91859  ? 10  LEU A HD13 1 
ATOM   202 H HD21 . LEU A 1 10 ? -2.57101  -11.34552 0.46644  1.000 11.28247 ? 10  LEU A HD21 1 
ATOM   203 H HD22 . LEU A 1 10 ? -2.55603  -11.76319 1.99903  1.000 11.28247 ? 10  LEU A HD22 1 
ATOM   204 H HD23 . LEU A 1 10 ? -3.08837  -10.32874 1.57188  1.000 11.28247 ? 10  LEU A HD23 1 
HETATM 205 C C11  . I77 A 1 11 ? -0.50687  -6.72932  9.63732  1.000 10.41370 ? 11  I77 A C11  1 
HETATM 206 C C12  . I77 A 1 11 ? -1.70616  -7.31125  9.24738  1.000 8.83414  ? 11  I77 A C12  1 
HETATM 207 C C13  . I77 A 1 11 ? -1.96930  -7.66185  7.80912  1.000 8.09061  ? 11  I77 A C13  1 
HETATM 208 C C17  . I77 A 1 11 ? -2.73377  -7.49473  10.15026 1.000 9.17223  ? 11  I77 A C17  1 
HETATM 209 C C18  . I77 A 1 11 ? -2.51328  -7.11656  11.44587 1.000 9.45520  ? 11  I77 A C18  1 
HETATM 210 C C02  . I77 A 1 11 ? -0.47869  -5.15436  17.25991 1.000 12.29511 ? 11  I77 A C02  1 
HETATM 211 C C03  . I77 A 1 11 ? -0.66376  -5.50603  15.78025 1.000 11.91547 ? 11  I77 A C03  1 
HETATM 212 C C04  . I77 A 1 11 ? 0.33933   -5.20250  14.88511 1.000 11.56575 ? 11  I77 A C04  1 
HETATM 213 C C05  . I77 A 1 11 ? 0.12464   -5.54690  13.56241 1.000 11.72310 ? 11  I77 A C05  1 
HETATM 214 C C06  . I77 A 1 11 ? -1.82839  -6.13094  15.36773 1.000 13.40016 ? 11  I77 A C06  1 
HETATM 215 C C08  . I77 A 1 11 ? -1.05863  -6.16665  13.20917 1.000 10.50257 ? 11  I77 A C08  1 
HETATM 216 C C09  . I77 A 1 11 ? -1.29460  -6.55245  11.78068 1.000 9.73343  ? 11  I77 A C09  1 
HETATM 217 N N01  . I77 A 1 11 ? -1.56669  -5.50093  18.14985 1.000 12.39799 ? 11  I77 A N01  1 
HETATM 218 N N07  . I77 A 1 11 ? -1.98894  -6.43734  14.09743 1.000 14.02700 ? 11  I77 A N07  1 
HETATM 219 N N10  . I77 A 1 11 ? -0.33121  -6.37946  10.89484 1.000 10.91229 ? 11  I77 A N10  1 
HETATM 220 N N14  . I77 A 1 11 ? -0.82647  -7.52778  6.94386  1.000 8.06092  ? 11  I77 A N14  1 
HETATM 221 N N15  . I77 A 1 11 ? -1.03205  -7.73530  5.58446  1.000 7.61181  ? 11  I77 A N15  1 
HETATM 222 O O16  . I77 A 1 11 ? -3.04961  -7.96568  7.38830  1.000 8.82792  ? 11  I77 A O16  1 
HETATM 223 O O19  . I77 A 1 11 ? 0.51202   -4.62471  17.66888 1.000 13.57833 ? 11  I77 A O19  1 
HETATM 224 H H111 . I77 A 1 11 ? 0.27670   -6.56470  8.91404  1.000 12.48224 ? 11  I77 A H111 1 
HETATM 225 H H171 . I77 A 1 11 ? -3.68642  -7.92537  9.84189  1.000 10.99247 ? 11  I77 A H171 1 
HETATM 226 H H181 . I77 A 1 11 ? -3.28350  -7.25687  12.20140 1.000 11.33205 ? 11  I77 A H181 1 
HETATM 227 H H041 . I77 A 1 11 ? 1.24608   -4.72070  15.20000 1.000 13.86470 ? 11  I77 A H041 1 
HETATM 228 H H051 . I77 A 1 11 ? 0.87572   -5.33312  12.81204 1.000 14.05352 ? 11  I77 A H051 1 
HETATM 229 H H061 . I77 A 1 11 ? -2.60205  -6.36611  16.08516 1.000 16.06599 ? 11  I77 A H061 1 
HETATM 230 H H011 . I77 A 1 11 ? -2.39173  -5.94528  17.81066 1.000 14.86339 ? 11  I77 A H011 1 
HETATM 231 H H012 . I77 A 1 11 ? -1.48149  -5.28939  19.13043 1.000 14.86339 ? 11  I77 A H012 1 
HETATM 232 H H141 . I77 A 1 11 ? 0.08209   -7.29397  7.30703  1.000 9.65891  ? 11  I77 A H141 1 
HETATM 233 H H1   . I77 A 1 11 ? -1.83928  -7.19865  5.31767  1.000 9.11997  ? 11  I77 A H1   1 
HETATM 234 C C05  . I6W B 1 1  ? -5.82621  2.15501   8.96329  1.000 9.20379  ? 1   I6W B C05  1 
HETATM 235 C C08  . I6W B 1 1  ? -7.06557  1.99010   9.52843  1.000 10.20785 ? 1   I6W B C08  1 
HETATM 236 C C09  . I6W B 1 1  ? -7.22245  2.17610   11.02232 1.000 13.76658 ? 1   I6W B C09  1 
HETATM 237 N N10  . I6W B 1 1  ? -8.33339  1.89123   11.66063 1.000 18.52243 ? 1   I6W B N10  1 
HETATM 238 C C02  . I6W B 1 1  ? -6.59520  1.58358   5.35903  1.000 7.74111  ? 1   I6W B C02  1 
HETATM 239 C C03  . I6W B 1 1  ? -6.79423  1.71302   6.86686  1.000 7.66164  ? 1   I6W B C03  1 
HETATM 240 C C04  . I6W B 1 1  ? -5.66954  2.00626   7.59507  1.000 8.67679  ? 1   I6W B C04  1 
HETATM 241 C C06  . I6W B 1 1  ? -8.03120  1.57184   7.48357  1.000 8.26338  ? 1   I6W B C06  1 
HETATM 242 C C11  . I6W B 1 1  ? -8.44534  2.07292   12.96944 1.000 21.17280 ? 1   I6W B C11  1 
HETATM 243 C C12  . I6W B 1 1  ? -7.37871  2.59653   13.68970 1.000 21.66886 ? 1   I6W B C12  1 
HETATM 244 C C13  . I6W B 1 1  ? -7.40659  2.85086   15.22494 1.000 25.94211 ? 1   I6W B C13  1 
HETATM 245 C C15  . I6W B 1 1  ? -6.21441  3.48586   17.22314 1.000 28.58021 ? 1   I6W B C15  1 
HETATM 246 C C16  . I6W B 1 1  ? -6.21987  5.03038   17.13834 1.000 28.78302 ? 1   I6W B C16  1 
HETATM 247 C C18  . I6W B 1 1  ? -6.21950  2.91383   13.04718 1.000 17.13770 ? 1   I6W B C18  1 
HETATM 248 C C19  . I6W B 1 1  ? -6.15292  2.70123   11.68455 1.000 14.14034 ? 1   I6W B C19  1 
HETATM 249 N N07  . I6W B 1 1  ? -8.14268  1.71923   8.79941  1.000 9.72438  ? 1   I6W B N07  1 
HETATM 250 O O01  . I6W B 1 1  ? -5.62712  2.06858   4.82264  1.000 8.12594  ? 1   I6W B O01  1 
HETATM 251 O O14  . I6W B 1 1  ? -6.15089  2.98286   15.87785 1.000 27.84898 ? 1   I6W B O14  1 
HETATM 252 O O17  . I6W B 1 1  ? -8.41203  2.94570   15.81235 1.000 27.18365 ? 1   I6W B O17  1 
HETATM 253 H H051 . I6W B 1 1  ? -4.98579  2.39711   9.57624  1.000 11.03035 ? 1   I6W B H051 1 
HETATM 254 H H041 . I6W B 1 1  ? -4.66913  2.12024   7.10456  1.000 10.39796 ? 1   I6W B H041 1 
HETATM 255 H H061 . I6W B 1 1  ? -8.90932  1.34030   6.88801  1.000 9.90185  ? 1   I6W B H061 1 
HETATM 256 H H111 . I6W B 1 1  ? -9.35131  1.81796   13.46788 1.000 25.39316 ? 1   I6W B H111 1 
HETATM 257 H H152 . I6W B 1 1  ? -7.12020  3.13912   17.70501 1.000 34.28205 ? 1   I6W B H152 1 
HETATM 258 H H151 . I6W B 1 1  ? -5.35143  3.14974   17.78455 1.000 34.28205 ? 1   I6W B H151 1 
HETATM 259 H H162 . I6W B 1 1  ? -5.85588  5.34566   16.14269 1.000 34.52542 ? 1   I6W B H162 1 
HETATM 260 H H163 . I6W B 1 1  ? -5.55782  5.44438   17.92163 1.000 34.52542 ? 1   I6W B H163 1 
HETATM 261 H H161 . I6W B 1 1  ? -7.24981  5.40373   17.29020 1.000 34.52542 ? 1   I6W B H161 1 
HETATM 262 H H181 . I6W B 1 1  ? -5.36907  3.32357   13.59214 1.000 20.55104 ? 1   I6W B H181 1 
HETATM 263 H H191 . I6W B 1 1  ? -5.24594  2.95310   11.13894 1.000 16.95421 ? 1   I6W B H191 1 
ATOM   264 N N    . LEU B 1 2  ? -7.64255  0.95996   4.62437  1.000 7.26083  ? 2   LEU B N    1 
ATOM   265 C CA   . LEU B 1 2  ? -7.35136  0.69376   3.22941  1.000 7.17819  ? 2   LEU B CA   1 
ATOM   266 C C    . LEU B 1 2  ? -7.10508  1.97326   2.41835  1.000 6.87381  ? 2   LEU B C    1 
ATOM   267 O O    . LEU B 1 2  ? -6.22511  1.98849   1.54850  1.000 6.91285  ? 2   LEU B O    1 
ATOM   268 C CB   . LEU B 1 2  ? -8.50387  -0.09565  2.61529  1.000 7.37387  ? 2   LEU B CB   1 
ATOM   269 C CG   . LEU B 1 2  ? -8.24484  -0.62973  1.21764  1.000 8.98290  ? 2   LEU B CG   1 
ATOM   270 C CD1  . LEU B 1 2  ? -7.09686  -1.64095  1.20579  1.000 9.70646  ? 2   LEU B CD1  1 
ATOM   271 C CD2  . LEU B 1 2  ? -9.51595  -1.25789  0.67721  1.000 9.66552  ? 2   LEU B CD2  1 
ATOM   272 H H    . LEU B 1 2  ? -8.41196  0.67933   4.89203  1.000 8.69880  ? 2   LEU B H    1 
ATOM   273 H HA   . LEU B 1 2  ? -6.53443  0.17321   3.17901  1.000 8.59962  ? 2   LEU B HA   1 
ATOM   274 H HB2  . LEU B 1 2  ? -8.69309  -0.85595  3.18716  1.000 8.83445  ? 2   LEU B HB2  1 
ATOM   275 H HB3  . LEU B 1 2  ? -9.28009  0.48400   2.56635  1.000 8.83445  ? 2   LEU B HB3  1 
ATOM   276 H HG   . LEU B 1 2  ? -7.98015  0.10384   0.64080  1.000 10.76528 ? 2   LEU B HG   1 
ATOM   277 H HD11 . LEU B 1 2  ? -6.99697  -1.99481  0.30818  1.000 11.63355 ? 2   LEU B HD11 1 
ATOM   278 H HD12 . LEU B 1 2  ? -6.27992  -1.19448  1.47815  1.000 11.63355 ? 2   LEU B HD12 1 
ATOM   279 H HD13 . LEU B 1 2  ? -7.30279  -2.35974  1.82371  1.000 11.63355 ? 2   LEU B HD13 1 
ATOM   280 H HD21 . LEU B 1 2  ? -9.35450  -1.56944  -0.22710 1.000 11.58442 ? 2   LEU B HD21 1 
ATOM   281 H HD22 . LEU B 1 2  ? -9.76539  -2.00408  1.24456  1.000 11.58442 ? 2   LEU B HD22 1 
ATOM   282 H HD23 . LEU B 1 2  ? -10.22163 -0.59237  0.67674  1.000 11.58442 ? 2   LEU B HD23 1 
HETATM 283 N N    . AIB B 1 3  ? -7.90126  3.01650   2.66481  1.000 6.65853  ? 3   AIB B N    1 
HETATM 284 C CA   . AIB B 1 3  ? -7.76860  4.26348   1.92540  1.000 6.62476  ? 3   AIB B CA   1 
HETATM 285 C C    . AIB B 1 3  ? -6.30673  4.77848   2.02011  1.000 6.23413  ? 3   AIB B C    1 
HETATM 286 O O    . AIB B 1 3  ? -5.64334  5.13724   1.03320  1.000 6.61982  ? 3   AIB B O    1 
HETATM 287 C CB1  . AIB B 1 3  ? -8.17094  4.08855   0.45013  1.000 6.89540  ? 3   AIB B CB1  1 
HETATM 288 C CB2  . AIB B 1 3  ? -8.64112  5.35685   2.54631  1.000 6.21596  ? 3   AIB B CB2  1 
HETATM 289 H H    . AIB B 1 3  ? -8.81126  2.94886   3.07631  1.000 7.97603  ? 3   AIB B H    1 
HETATM 290 H HB11 . AIB B 1 3  ? -9.26445  3.87666   0.38080  1.000 8.26028  ? 3   AIB B HB11 1 
HETATM 291 H HB12 . AIB B 1 3  ? -7.60271  3.23830   0.00331  1.000 8.26028  ? 3   AIB B HB12 1 
HETATM 292 H HB13 . AIB B 1 3  ? -7.94084  5.02234   -0.11603 1.000 8.26028  ? 3   AIB B HB13 1 
HETATM 293 H HB21 . AIB B 1 3  ? -8.51319  6.30080   1.96297  1.000 7.44495  ? 3   AIB B HB21 1 
HETATM 294 H HB22 . AIB B 1 3  ? -8.32445  5.51883   3.60517  1.000 7.44495  ? 3   AIB B HB22 1 
HETATM 295 H HB23 . AIB B 1 3  ? -9.70959  5.03270   2.51477  1.000 7.44495  ? 3   AIB B HB23 1 
ATOM   296 N N    . ALA B 1 4  ? -5.80163  4.80390   3.26094  1.000 6.67893  ? 4   ALA B N    1 
ATOM   297 C CA   . ALA B 1 4  ? -4.45029  5.30519   3.50970  1.000 7.25516  ? 4   ALA B CA   1 
ATOM   298 C C    . ALA B 1 4  ? -3.38675  4.38813   2.92061  1.000 7.25071  ? 4   ALA B C    1 
ATOM   299 O O    . ALA B 1 4  ? -2.35881  4.86188   2.42134  1.000 7.88556  ? 4   ALA B O    1 
ATOM   300 C CB   . ALA B 1 4  ? -4.19592  5.49777   4.99982  1.000 7.55250  ? 4   ALA B CB   1 
ATOM   301 H H    . ALA B 1 4  ? -6.21931  4.53885   3.96442  1.000 8.00052  ? 4   ALA B H    1 
ATOM   302 H HA   . ALA B 1 4  ? -4.37806  6.17006   3.07649  1.000 8.69200  ? 4   ALA B HA   1 
ATOM   303 H HB1  . ALA B 1 4  ? -3.26736  5.74499   5.13232  1.000 9.04880  ? 4   ALA B HB1  1 
ATOM   304 H HB2  . ALA B 1 4  ? -4.77599  6.20120   5.33089  1.000 9.04880  ? 4   ALA B HB2  1 
ATOM   305 H HB3  . ALA B 1 4  ? -4.38627  4.66683   5.46266  1.000 9.04880  ? 4   ALA B HB3  1 
ATOM   306 N N    . TRP B 1 5  ? -3.60933  3.07721   2.99880  1.000 7.13981  ? 5   TRP B N    1 
ATOM   307 C CA   . TRP B 1 5  ? -2.65649  2.15507   2.39357  1.000 7.52995  ? 5   TRP B CA   1 
ATOM   308 C C    . TRP B 1 5  ? -2.57808  2.38438   0.88359  1.000 6.99320  ? 5   TRP B C    1 
ATOM   309 O O    . TRP B 1 5  ? -1.48413  2.44560   0.30015  1.000 7.38618  ? 5   TRP B O    1 
ATOM   310 C CB   . TRP B 1 5  ? -3.01032  0.70146   2.73849  1.000 7.41894  ? 5   TRP B CB   1 
ATOM   311 C CG   . TRP B 1 5  ? -2.16864  -0.25702  1.95863  1.000 6.82857  ? 5   TRP B CG   1 
ATOM   312 C CD1  . TRP B 1 5  ? -0.88677  -0.63860  2.23256  1.000 7.46740  ? 5   TRP B CD1  1 
ATOM   313 C CD2  . TRP B 1 5  ? -2.52468  -0.90025  0.73532  1.000 7.08837  ? 5   TRP B CD2  1 
ATOM   314 N NE1  . TRP B 1 5  ? -0.43004  -1.48638  1.26030  1.000 7.48423  ? 5   TRP B NE1  1 
ATOM   315 C CE2  . TRP B 1 5  ? -1.41504  -1.66244  0.32616  1.000 7.44454  ? 5   TRP B CE2  1 
ATOM   316 C CE3  . TRP B 1 5  ? -3.67341  -0.89874  -0.05953 1.000 9.41080  ? 5   TRP B CE3  1 
ATOM   317 C CZ2  . TRP B 1 5  ? -1.42014  -2.41323  -0.83690 1.000 9.70183  ? 5   TRP B CZ2  1 
ATOM   318 C CZ3  . TRP B 1 5  ? -3.67843  -1.65370  -1.21290 1.000 12.02923 ? 5   TRP B CZ3  1 
ATOM   319 C CH2  . TRP B 1 5  ? -2.56100  -2.40463  -1.58727 1.000 13.65513 ? 5   TRP B CH2  1 
ATOM   320 H H    . TRP B 1 5  ? -4.28366  2.70863   3.38484  1.000 8.55358  ? 5   TRP B H    1 
ATOM   321 H HA   . TRP B 1 5  ? -1.77452  2.31442   2.76455  1.000 9.02174  ? 5   TRP B HA   1 
ATOM   322 H HB2  . TRP B 1 5  ? -2.85535  0.54774   3.68361  1.000 8.88853  ? 5   TRP B HB2  1 
ATOM   323 H HB3  . TRP B 1 5  ? -3.94193  0.53708   2.52402  1.000 8.88853  ? 5   TRP B HB3  1 
ATOM   324 H HD1  . TRP B 1 5  ? -0.39541  -0.36254  2.97233  1.000 8.94669  ? 5   TRP B HD1  1 
ATOM   325 H HE1  . TRP B 1 5  ? 0.34923   -1.84956  1.23954  1.000 8.96687  ? 5   TRP B HE1  1 
ATOM   326 H HE3  . TRP B 1 5  ? -4.41891  -0.39904  0.18423  1.000 11.27876 ? 5   TRP B HE3  1 
ATOM   327 H HZ2  . TRP B 1 5  ? -0.67487  -2.90481  -1.09731 1.000 11.62800 ? 5   TRP B HZ2  1 
ATOM   328 H HZ3  . TRP B 1 5  ? -4.43739  -1.66344  -1.75029 1.000 14.42088 ? 5   TRP B HZ3  1 
ATOM   329 H HH2  . TRP B 1 5  ? -2.59513  -2.91096  -2.36661 1.000 16.37195 ? 5   TRP B HH2  1 
ATOM   330 N N    A LEU B 1 6  ? -3.73061  2.52695   0.22477  0.573 6.82315  ? 6   LEU B N    1 
ATOM   331 N N    B LEU B 1 6  ? -3.72533  2.52978   0.24333  0.427 6.92448  ? 6   LEU B N    1 
ATOM   332 C CA   A LEU B 1 6  ? -3.73956  2.72630   -1.22467 0.573 7.45607  ? 6   LEU B CA   1 
ATOM   333 C CA   B LEU B 1 6  ? -3.75901  2.73406   -1.18299 0.427 7.52426  ? 6   LEU B CA   1 
ATOM   334 C C    A LEU B 1 6  ? -2.98956  4.01073   -1.56821 0.573 6.87341  ? 6   LEU B C    1 
ATOM   335 C C    B LEU B 1 6  ? -3.00237  4.00407   -1.55783 0.427 6.98639  ? 6   LEU B C    1 
ATOM   336 O O    A LEU B 1 6  ? -2.17179  4.03665   -2.49614 0.573 7.44688  ? 6   LEU B O    1 
ATOM   337 O O    B LEU B 1 6  ? -2.19406  4.01297   -2.49164 0.427 7.43697  ? 6   LEU B O    1 
ATOM   338 C CB   A LEU B 1 6  ? -5.17350  2.78224   -1.76760 0.573 8.85605  ? 6   LEU B CB   1 
ATOM   339 C CB   B LEU B 1 6  ? -5.20693  2.82287   -1.61715 0.427 8.97415  ? 6   LEU B CB   1 
ATOM   340 C CG   A LEU B 1 6  ? -5.88114  1.46214   -2.09319 0.573 9.18656  ? 6   LEU B CG   1 
ATOM   341 C CG   B LEU B 1 6  ? -5.41944  2.88347   -3.10884 0.427 8.33992  ? 6   LEU B CG   1 
ATOM   342 C CD1  A LEU B 1 6  ? -7.29287  1.73126   -2.59388 0.573 9.83208  ? 6   LEU B CD1  1 
ATOM   343 C CD1  B LEU B 1 6  ? -4.91258  1.61239   -3.78293 0.427 7.77988  ? 6   LEU B CD1  1 
ATOM   344 C CD2  A LEU B 1 6  ? -5.12765  0.63618   -3.12530 0.573 9.89199  ? 6   LEU B CD2  1 
ATOM   345 C CD2  B LEU B 1 6  ? -6.89905  3.10623   -3.35111 0.427 9.08730  ? 6   LEU B CD2  1 
ATOM   346 H H    A LEU B 1 6  ? -4.50906  2.51204   0.58999  0.573 8.17358  ? 6   LEU B H    1 
ATOM   347 H H    B LEU B 1 6  ? -4.49904  2.51319   0.61843  0.427 8.29517  ? 6   LEU B H    1 
ATOM   348 H HA   A LEU B 1 6  ? -3.30270  1.97747   -1.65976 0.573 8.93308  ? 6   LEU B HA   1 
ATOM   349 H HA   B LEU B 1 6  ? -3.33473  1.99772   -1.65064 0.427 9.01492  ? 6   LEU B HA   1 
ATOM   350 H HB2  A LEU B 1 6  ? -5.72015  3.23344   -1.10542 0.573 10.61306 ? 6   LEU B HB2  1 
ATOM   351 H HB2  B LEU B 1 6  ? -5.67474  2.03984   -1.28713 0.427 10.75479 ? 6   LEU B HB2  1 
ATOM   352 H HB3  A LEU B 1 6  ? -5.15571  3.29693   -2.58960 0.573 10.61306 ? 6   LEU B HB3  1 
ATOM   353 H HB3  B LEU B 1 6  ? -5.59329  3.62602   -1.23430 0.427 10.75479 ? 6   LEU B HB3  1 
ATOM   354 H HG   A LEU B 1 6  ? -5.91617  0.94205   -1.27516 0.573 11.00967 ? 6   LEU B HG   1 
ATOM   355 H HG   B LEU B 1 6  ? -4.91712  3.61151   -3.50701 0.427 9.99371  ? 6   LEU B HG   1 
ATOM   356 H HD11 A LEU B 1 6  ? -7.72186  0.88572   -2.79866 0.573 11.78430 ? 6   LEU B HD11 1 
ATOM   357 H HD11 B LEU B 1 6  ? -5.07712  1.67372   -4.73690 0.427 9.32165  ? 6   LEU B HD11 1 
ATOM   358 H HD12 A LEU B 1 6  ? -7.79006  2.19551   -1.90238 0.573 11.78430 ? 6   LEU B HD12 1 
ATOM   359 H HD12 B LEU B 1 6  ? -3.96104  1.52450   -3.61636 0.427 9.32165  ? 6   LEU B HD12 1 
ATOM   360 H HD13 A LEU B 1 6  ? -7.24552  2.28007   -3.39230 0.573 11.78430 ? 6   LEU B HD13 1 
ATOM   361 H HD13 B LEU B 1 6  ? -5.38479  0.84954   -3.41418 0.427 9.32165  ? 6   LEU B HD13 1 
ATOM   362 H HD21 A LEU B 1 6  ? -5.61505  -0.18647  -3.28836 0.573 11.85619 ? 6   LEU B HD21 1 
ATOM   363 H HD21 B LEU B 1 6  ? -7.04524  3.25362   -4.29864 0.427 10.89057 ? 6   LEU B HD21 1 
ATOM   364 H HD22 A LEU B 1 6  ? -5.05596  1.14661   -3.94702 0.573 11.85619 ? 6   LEU B HD22 1 
ATOM   365 H HD22 B LEU B 1 6  ? -7.38855  2.32137   -3.05907 0.427 10.89057 ? 6   LEU B HD22 1 
ATOM   366 H HD23 A LEU B 1 6  ? -4.24276  0.43411   -2.78316 0.573 11.85619 ? 6   LEU B HD23 1 
ATOM   367 H HD23 B LEU B 1 6  ? -7.18818  3.88291   -2.84706 0.427 10.89057 ? 6   LEU B HD23 1 
HETATM 368 N N    . AIB B 1 7  ? -3.27473  5.07013   -0.81445 1.000 6.95936  ? 7   AIB B N    1 
HETATM 369 C CA   . AIB B 1 7  ? -2.66050  6.35833   -1.03487 1.000 7.38537  ? 7   AIB B CA   1 
HETATM 370 C C    . AIB B 1 7  ? -1.11887  6.33016   -0.92807 1.000 6.84006  ? 7   AIB B C    1 
HETATM 371 O O    . AIB B 1 7  ? -0.42764  7.21549   -1.45344 1.000 6.93378  ? 7   AIB B O    1 
HETATM 372 C CB1  . AIB B 1 7  ? -3.03738  6.92154   -2.42353 1.000 8.20852  ? 7   AIB B CB1  1 
HETATM 373 C CB2  . AIB B 1 7  ? -3.16484  7.35403   0.02811  1.000 7.86181  ? 7   AIB B CB2  1 
HETATM 374 H H    . AIB B 1 7  ? -4.12704  5.18115   -0.30139 0.571 8.33703  ? 7   AIB B H    1 
HETATM 375 H HB11 . AIB B 1 7  ? -4.14765  6.99022   -2.51317 1.000 9.83603  ? 7   AIB B HB11 1 
HETATM 376 H HB12 . AIB B 1 7  ? -2.64509  6.24779   -3.22206 1.000 9.83603  ? 7   AIB B HB12 1 
HETATM 377 H HB13 . AIB B 1 7  ? -2.59478  7.93817   -2.55015 1.000 9.83603  ? 7   AIB B HB13 1 
HETATM 378 H HB21 . AIB B 1 7  ? -2.74867  8.36654   -0.19396 1.000 9.41998  ? 7   AIB B HB21 1 
HETATM 379 H HB22 . AIB B 1 7  ? -2.82299  7.01560   1.03622  1.000 9.41998  ? 7   AIB B HB22 1 
HETATM 380 H HB23 . AIB B 1 7  ? -4.28092  7.38686   -0.00327 1.000 9.41998  ? 7   AIB B HB23 1 
ATOM   381 N N    . GLN B 1 8  ? -0.57702  5.30427   -0.26098 1.000 6.98850  ? 8   GLN B N    1 
ATOM   382 C CA   . GLN B 1 8  ? 0.87910   5.17963   -0.17960 1.000 7.89631  ? 8   GLN B CA   1 
ATOM   383 C C    . GLN B 1 8  ? 1.51945   4.92598   -1.55034 1.000 6.96388  ? 8   GLN B C    1 
ATOM   384 O O    . GLN B 1 8  ? 2.73524   5.10172   -1.70707 1.000 7.99914  ? 8   GLN B O    1 
ATOM   385 C CB   . GLN B 1 8  ? 1.31133   4.07686   0.78459  1.000 9.51560  ? 8   GLN B CB   1 
ATOM   386 C CG   . GLN B 1 8  ? 1.02760   4.37716   2.21501  1.000 13.64797 ? 8   GLN B CG   1 
ATOM   387 C CD   . GLN B 1 8  ? 1.49704   3.26226   3.12139  1.000 18.46773 ? 8   GLN B CD   1 
ATOM   388 O OE1  . GLN B 1 8  ? 1.22936   2.08977   2.87550  1.000 20.69108 ? 8   GLN B OE1  1 
ATOM   389 N NE2  . GLN B 1 8  ? 2.22884   3.62313   4.16325  1.000 19.99683 ? 8   GLN B NE2  1 
ATOM   390 H H    . GLN B 1 8  ? -1.02032  4.68637   0.14063  1.000 8.37201  ? 8   GLN B H    1 
ATOM   391 H HA   . GLN B 1 8  ? 1.20996   6.02476   0.16270  1.000 9.46138  ? 8   GLN B HA   1 
ATOM   392 H HB2  . GLN B 1 8  ? 0.83956   3.26095   0.55520  1.000 11.40453 ? 8   GLN B HB2  1 
ATOM   393 H HB3  . GLN B 1 8  ? 2.26793   3.94327   0.69528  1.000 11.40453 ? 8   GLN B HB3  1 
ATOM   394 H HG2  . GLN B 1 8  ? 1.48924   5.19151   2.46924  1.000 16.36337 ? 8   GLN B HG2  1 
ATOM   395 H HG3  . GLN B 1 8  ? 0.07139   4.48624   2.33607  1.000 16.36337 ? 8   GLN B HG3  1 
ATOM   396 H HE21 . GLN B 1 8  ? 2.41201   4.45327   4.29322  1.000 23.98200 ? 8   GLN B HE21 1 
ATOM   397 H HE22 . GLN B 1 8  ? 2.52125   3.02749   4.71035  1.000 23.98200 ? 8   GLN B HE22 1 
HETATM 398 N N    . AIB B 1 9  ? 0.73002   4.51660   -2.53743 1.000 6.53537  ? 9   AIB B N    1 
HETATM 399 C CA   . AIB B 1 9  ? 1.19992   4.47317   -3.92134 1.000 7.06783  ? 9   AIB B CA   1 
HETATM 400 C C    . AIB B 1 9  ? 1.92409   5.79318   -4.28061 1.000 6.42162  ? 9   AIB B C    1 
HETATM 401 O O    . AIB B 1 9  ? 2.88396   5.83996   -5.05295 1.000 7.69931  ? 9   AIB B O    1 
HETATM 402 C CB1  . AIB B 1 9  ? 2.13392   3.28466   -4.21975 1.000 7.50378  ? 9   AIB B CB1  1 
HETATM 403 C CB2  . AIB B 1 9  ? -0.00251  4.38084   -4.86683 1.000 7.39387  ? 9   AIB B CB2  1 
HETATM 404 H H    . AIB B 1 9  ? -0.05935  3.91293   -2.41706 1.000 7.82825  ? 9   AIB B H    1 
HETATM 405 H HB11 . AIB B 1 9  ? 1.55887   2.33004   -4.16087 1.000 8.99034  ? 9   AIB B HB11 1 
HETATM 406 H HB12 . AIB B 1 9  ? 2.96313   3.26093   -3.47322 1.000 8.99034  ? 9   AIB B HB12 1 
HETATM 407 H HB13 . AIB B 1 9  ? 2.56423   3.39201   -5.24384 1.000 8.99034  ? 9   AIB B HB13 1 
HETATM 408 H HB21 . AIB B 1 9  ? 0.36337   4.36821   -5.92213 1.000 8.85844  ? 9   AIB B HB21 1 
HETATM 409 H HB22 . AIB B 1 9  ? -0.66311  5.26680   -4.70444 1.000 8.85844  ? 9   AIB B HB22 1 
HETATM 410 H HB23 . AIB B 1 9  ? -0.56646  3.44156   -4.64909 1.000 8.85844  ? 9   AIB B HB23 1 
ATOM   411 N N    . LEU B 1 10 ? 1.42228   6.88166   -3.69039 1.000 6.09353  ? 10  LEU B N    1 
ATOM   412 C CA   . LEU B 1 10 ? 1.88928   8.23187   -3.99589 1.000 6.21046  ? 10  LEU B CA   1 
ATOM   413 C C    . LEU B 1 10 ? 2.76148   8.84950   -2.91938 1.000 6.48796  ? 10  LEU B C    1 
ATOM   414 O O    . LEU B 1 10 ? 3.10792   10.01546  -2.97143 1.000 7.27239  ? 10  LEU B O    1 
ATOM   415 C CB   . LEU B 1 10 ? 0.71101   9.14789   -4.28490 1.000 6.10512  ? 10  LEU B CB   1 
ATOM   416 C CG   . LEU B 1 10 ? -0.04754  8.74091   -5.53963 1.000 7.18490  ? 10  LEU B CG   1 
ATOM   417 C CD1  . LEU B 1 10 ? -1.37161  9.48767   -5.60067 1.000 8.62190  ? 10  LEU B CD1  1 
ATOM   418 C CD2  . LEU B 1 10 ? 0.77167   8.97979   -6.80053 1.000 9.03164  ? 10  LEU B CD2  1 
ATOM   419 H H    . LEU B 1 10 ? 0.79868   6.86196   -3.09850 1.000 7.29804  ? 10  LEU B H    1 
ATOM   420 H HA   . LEU B 1 10 ? 2.44892   8.15945   -4.78486 1.000 7.43836  ? 10  LEU B HA   1 
ATOM   421 H HB2  . LEU B 1 10 ? 0.09527   9.11690   -3.53604 1.000 7.31195  ? 10  LEU B HB2  1 
ATOM   422 H HB3  . LEU B 1 10 ? 1.03713   10.05295  -4.40905 1.000 7.31195  ? 10  LEU B HB3  1 
ATOM   423 H HG   . LEU B 1 10 ? -0.22538  7.78806   -5.50298 1.000 8.60768  ? 10  LEU B HG   1 
ATOM   424 H HD11 . LEU B 1 10 ? -1.84372  9.22804   -6.40728 1.000 10.33208 ? 10  LEU B HD11 1 
ATOM   425 H HD12 . LEU B 1 10 ? -1.89974  9.25845   -4.82001 1.000 10.33208 ? 10  LEU B HD12 1 
ATOM   426 H HD13 . LEU B 1 10 ? -1.19594  10.44155  -5.61275 1.000 10.33208 ? 10  LEU B HD13 1 
ATOM   427 H HD21 . LEU B 1 10 ? 0.25039   8.70785   -7.57205 1.000 10.82377 ? 10  LEU B HD21 1 
ATOM   428 H HD22 . LEU B 1 10 ? 0.98729   9.92346   -6.86297 1.000 10.82377 ? 10  LEU B HD22 1 
ATOM   429 H HD23 . LEU B 1 10 ? 1.58705   8.45673   -6.75120 1.000 10.82377 ? 10  LEU B HD23 1 
HETATM 430 C C11  . I77 B 1 11 ? 5.82932   9.03968   1.32102  1.000 7.57045  ? 11  I77 B C11  1 
HETATM 431 C C12  . I77 B 1 11 ? 6.25410   8.92716   0.00753  1.000 6.64284  ? 11  I77 B C12  1 
HETATM 432 C C13  . I77 B 1 11 ? 5.41953   8.44711   -1.14458 1.000 6.67293  ? 11  I77 B C13  1 
HETATM 433 C C17  . I77 B 1 11 ? 7.53422   9.27655   -0.31124 1.000 8.41831  ? 11  I77 B C17  1 
HETATM 434 C C18  . I77 B 1 11 ? 8.37994   9.73561   0.65138  1.000 8.04488  ? 11  I77 B C18  1 
HETATM 435 C C02  . I77 B 1 11 ? 11.51445  12.12187  5.79547  1.000 7.72450  ? 11  I77 B C02  1 
HETATM 436 C C03  . I77 B 1 11 ? 10.61026  11.46853  4.74937  1.000 7.02814  ? 11  I77 B C03  1 
HETATM 437 C C04  . I77 B 1 11 ? 9.37637   11.04476  5.18303  1.000 7.02619  ? 11  I77 B C04  1 
HETATM 438 C C05  . I77 B 1 11 ? 8.51682   10.49227  4.26590  1.000 6.03733  ? 11  I77 B C05  1 
HETATM 439 C C06  . I77 B 1 11 ? 10.95996  11.35546  3.40840  1.000 8.29960  ? 11  I77 B C06  1 
HETATM 440 C C08  . I77 B 1 11 ? 8.91312   10.36633  2.95233  1.000 6.92088  ? 11  I77 B C08  1 
HETATM 441 C C09  . I77 B 1 11 ? 7.93451   9.81398   1.94697  1.000 6.81374  ? 11  I77 B C09  1 
HETATM 442 N N01  . I77 B 1 11 ? 12.76354  12.66907  5.34196  1.000 8.24253  ? 11  I77 B N01  1 
HETATM 443 N N07  . I77 B 1 11 ? 10.10155  10.81068  2.55561  1.000 8.73997  ? 11  I77 B N07  1 
HETATM 444 N N10  . I77 B 1 11 ? 6.67639   9.48529   2.24597  1.000 8.28761  ? 11  I77 B N10  1 
HETATM 445 N N14  . I77 B 1 11 ? 4.01101   8.39355   -0.90728 1.000 7.29235  ? 11  I77 B N14  1 
HETATM 446 N N15  . I77 B 1 11 ? 3.20947   7.92620   -1.93931 1.000 6.98519  ? 11  I77 B N15  1 
HETATM 447 O O16  . I77 B 1 11 ? 5.88464   8.14531   -2.20135 1.000 7.78169  ? 11  I77 B O16  1 
HETATM 448 O O19  . I77 B 1 11 ? 11.16383  12.24545  6.92765  1.000 8.45346  ? 11  I77 B O19  1 
HETATM 449 H H111 . I77 B 1 11 ? 4.82074   8.76855   1.59213  1.000 9.07034  ? 11  I77 B H111 1 
HETATM 450 H H171 . I77 B 1 11 ? 7.88079   9.18763   -1.34084 1.000 10.08777 ? 11  I77 B H171 1 
HETATM 451 H H181 . I77 B 1 11 ? 9.39432   10.03607  0.39744  1.000 9.63966  ? 11  I77 B H181 1 
HETATM 452 H H041 . I77 B 1 11 ? 9.09187   11.14349  6.21395  1.000 8.41723  ? 11  I77 B H041 1 
HETATM 453 H H051 . I77 B 1 11 ? 7.53363   10.15758  4.57283  1.000 7.23060  ? 11  I77 B H051 1 
HETATM 454 H H061 . I77 B 1 11 ? 11.92201  11.70799  3.06382  1.000 9.94532  ? 11  I77 B H061 1 
HETATM 455 H H011 . I77 B 1 11 ? 13.03568  12.57726  4.38569  1.000 9.87683  ? 11  I77 B H011 1 
HETATM 456 H H012 . I77 B 1 11 ? 13.37872  13.11569  6.00105  1.000 9.87683  ? 11  I77 B H012 1 
HETATM 457 H H141 . I77 B 1 11 ? 3.61659   8.68275   -0.02817 1.000 8.73663  ? 11  I77 B H141 1 
HETATM 458 H H1   . I77 B 1 11 ? 2.38421   7.51098   -1.53448 1.000 8.36803  ? 11  I77 B H1   1 
HETATM 459 O O    . HOH C 2 .  ? 1.84791   -7.10188  7.29282  1.000 17.19044 ? 101 HOH A O    1 
HETATM 460 O O    . HOH C 2 .  ? 4.79731   2.86113   -1.73243 1.000 8.69279  ? 102 HOH A O    1 
HETATM 461 O O    . HOH C 2 .  ? -4.79272  -10.08118 7.90400  1.000 9.30571  ? 103 HOH A O    1 
HETATM 462 O O    . HOH C 2 .  ? 6.61379   -4.65096  3.59388  1.000 12.34677 ? 104 HOH A O    1 
HETATM 463 O O    . HOH C 2 .  ? 2.70081   -8.49920  5.13112  1.000 14.55114 ? 105 HOH A O    1 
HETATM 464 O O    . HOH C 2 .  ? -4.40985  -5.70006  5.64410  1.000 6.70595  ? 106 HOH A O    1 
HETATM 465 O O    . HOH C 2 .  ? 3.08770   -3.64280  16.62538 1.000 14.93391 ? 107 HOH A O    1 
HETATM 466 O O    . HOH C 2 .  ? 1.38512   -2.64440  7.56337  1.000 19.96511 ? 108 HOH A O    1 
HETATM 467 O O    . HOH C 2 .  ? 2.82277   -4.66265  6.94993  1.000 28.97534 ? 109 HOH A O    1 
HETATM 468 O O    . HOH C 2 .  ? 5.11026   -5.38695  5.73916  1.000 38.18758 ? 110 HOH A O    1 
HETATM 469 O O    . HOH C 2 .  ? 8.13194   -6.72479  2.48935  1.000 10.13379 ? 111 HOH A O    1 
HETATM 470 O O    . HOH C 2 .  ? 8.58798   -3.38731  4.98201  1.000 34.79158 ? 112 HOH A O    1 
HETATM 471 O O    . HOH C 2 .  ? 4.29951   -3.46444  14.10579 1.000 36.23355 ? 113 HOH A O    1 
HETATM 472 O O    . HOH D 2 .  ? -0.00977  9.65845   -0.28653 1.000 10.48324 ? 101 HOH B O    1 
HETATM 473 O O    . HOH D 2 .  ? 2.30379   8.81884   1.21083  1.000 18.29171 ? 102 HOH B O    1 
HETATM 474 O O    . HOH D 2 .  ? -1.33606  7.23324   3.48838  1.000 24.71635 ? 103 HOH B O    1 
HETATM 475 O O    . HOH D 2 .  ? 1.99590   6.46322   4.63342  1.000 43.59523 ? 104 HOH B O    1 
HETATM 476 O O    . HOH D 2 .  ? 10.62547  11.79124  -0.30683 1.000 38.93433 ? 105 HOH B O    1 
HETATM 477 O O    . HOH D 2 .  ? -7.94467  6.31918   14.08218 1.000 37.00382 ? 106 HOH B O    1 
HETATM 478 O O    . HOH D 2 .  ? -9.32889  6.06020   12.39572 1.000 42.60021 ? 107 HOH B O    1 
HETATM 479 O O    . HOH D 2 .  ? -1.78333  10.05197  1.75732  1.000 19.62739 ? 108 HOH B O    1 
HETATM 480 O O    . HOH D 2 .  ? -0.75984  11.62322  3.57768  1.000 41.73292 ? 109 HOH B O    1 
# 
loop_
_atom_site_anisotrop.id 
_atom_site_anisotrop.type_symbol 
_atom_site_anisotrop.pdbx_label_atom_id 
_atom_site_anisotrop.pdbx_label_alt_id 
_atom_site_anisotrop.pdbx_label_comp_id 
_atom_site_anisotrop.pdbx_label_asym_id 
_atom_site_anisotrop.pdbx_label_seq_id 
_atom_site_anisotrop.pdbx_PDB_ins_code 
_atom_site_anisotrop.U[1][1] 
_atom_site_anisotrop.U[2][2] 
_atom_site_anisotrop.U[3][3] 
_atom_site_anisotrop.U[1][2] 
_atom_site_anisotrop.U[1][3] 
_atom_site_anisotrop.U[2][3] 
_atom_site_anisotrop.pdbx_auth_seq_id 
_atom_site_anisotrop.pdbx_auth_comp_id 
_atom_site_anisotrop.pdbx_auth_asym_id 
_atom_site_anisotrop.pdbx_auth_atom_id 
1   C C05 A I6W A 1  ? 0.09179 0.07624 0.07451 0.01529  -0.02219 -0.02948 1   I6W A C05 
2   C C05 B I6W A 1  ? 0.15855 0.10367 0.17132 -0.01060 -0.05943 -0.02497 1   I6W A C05 
3   C C08 A I6W A 1  ? 0.11890 0.05462 0.08422 0.01069  -0.03887 -0.01826 1   I6W A C08 
4   C C08 B I6W A 1  ? 0.19177 0.10690 0.19456 -0.00827 -0.07865 -0.02919 1   I6W A C08 
5   C C09 A I6W A 1  ? 0.11371 0.07476 0.07404 0.00411  -0.04166 -0.00836 1   I6W A C09 
6   C C09 B I6W A 1  ? 0.22668 0.11793 0.22696 -0.01119 -0.10124 -0.03425 1   I6W A C09 
7   N N10 A I6W A 1  ? 0.12280 0.09144 0.09745 0.00805  -0.04479 -0.02680 1   I6W A N10 
8   N N10 B I6W A 1  ? 0.25230 0.13186 0.24028 -0.01077 -0.11017 -0.04126 1   I6W A N10 
9   C C02 A I6W A 1  ? 0.10758 0.08273 0.06359 0.01531  -0.01491 -0.01700 1   I6W A C02 
10  C C02 B I6W A 1  ? 0.10394 0.05824 0.07653 -0.00826 -0.01512 0.00950  1   I6W A C02 
11  C C03 A I6W A 1  ? 0.09806 0.07029 0.07099 0.00652  -0.02630 -0.01182 1   I6W A C03 
12  C C03 B I6W A 1  ? 0.12849 0.07025 0.12619 -0.02584 -0.03703 -0.00116 1   I6W A C03 
13  C C04 A I6W A 1  ? 0.10878 0.07782 0.07044 0.01945  -0.02629 -0.02642 1   I6W A C04 
14  C C04 B I6W A 1  ? 0.14660 0.10118 0.15126 -0.01113 -0.04967 -0.02133 1   I6W A C04 
15  C C06 A I6W A 1  ? 0.11391 0.08189 0.08182 0.00829  -0.03222 -0.02155 1   I6W A C06 
16  C C06 B I6W A 1  ? 0.14787 0.08629 0.15324 -0.02005 -0.05320 -0.00918 1   I6W A C06 
17  C C11 A I6W A 1  ? 0.11699 0.07958 0.09414 0.00596  -0.04294 -0.01921 1   I6W A C11 
18  C C11 B I6W A 1  ? 0.26020 0.14631 0.24810 -0.01444 -0.11653 -0.04064 1   I6W A C11 
19  C C12 A I6W A 1  ? 0.12639 0.09892 0.09071 -0.00060 -0.05644 -0.01423 1   I6W A C12 
20  C C12 B I6W A 1  ? 0.26064 0.15731 0.24915 -0.01882 -0.11577 -0.03929 1   I6W A C12 
21  C C13 A I6W A 1  ? 0.14774 0.14174 0.10776 -0.02204 -0.06788 -0.01319 1   I6W A C13 
22  C C13 B I6W A 1  ? 0.26213 0.18323 0.24983 -0.03334 -0.11360 -0.03539 1   I6W A C13 
23  C C15 A I6W A 1  ? 0.25042 0.23842 0.14173 -0.04566 -0.08660 -0.02645 1   I6W A C15 
24  C C15 B I6W A 1  ? 0.30670 0.22359 0.25310 -0.01302 -0.12499 -0.04557 1   I6W A C15 
25  C C16 A I6W A 1  ? 0.27920 0.25383 0.15678 -0.05314 -0.09288 -0.03425 1   I6W A C16 
26  C C16 B I6W A 1  ? 0.31262 0.22790 0.25477 -0.00902 -0.12920 -0.04724 1   I6W A C16 
27  C C18 A I6W A 1  ? 0.11893 0.09631 0.08298 -0.01057 -0.05128 -0.01381 1   I6W A C18 
28  C C18 B I6W A 1  ? 0.25163 0.14045 0.24740 -0.02714 -0.11458 -0.03509 1   I6W A C18 
29  C C19 A I6W A 1  ? 0.10335 0.08907 0.06599 -0.01722 -0.02960 -0.01030 1   I6W A C19 
30  C C19 B I6W A 1  ? 0.23745 0.12322 0.23921 -0.02294 -0.10910 -0.03147 1   I6W A C19 
31  N N07 A I6W A 1  ? 0.11898 0.08093 0.09557 -0.01223 -0.04612 -0.00915 1   I6W A N07 
32  N N07 B I6W A 1  ? 0.17598 0.10914 0.17835 -0.01616 -0.07248 -0.01729 1   I6W A N07 
33  O O01 A I6W A 1  ? 0.10512 0.10393 0.07589 0.03158  -0.01555 -0.02305 1   I6W A O01 
34  O O01 B I6W A 1  ? 0.09070 0.09590 0.08608 0.01732  -0.02169 -0.00250 1   I6W A O01 
35  O O14 A I6W A 1  ? 0.21182 0.20081 0.12003 -0.04695 -0.07666 -0.00763 1   I6W A O14 
36  O O14 B I6W A 1  ? 0.28924 0.20758 0.25179 -0.02061 -0.11971 -0.04132 1   I6W A O14 
37  O O17 A I6W A 1  ? 0.14179 0.14381 0.11717 -0.00973 -0.07170 -0.02084 1   I6W A O17 
38  O O17 B I6W A 1  ? 0.24064 0.18513 0.24338 -0.06410 -0.10361 -0.02418 1   I6W A O17 
61  N N   . LEU A 2  ? 0.10665 0.08859 0.06518 0.01110  -0.01857 -0.01158 2   LEU A N   
62  C CA  . LEU A 2  ? 0.10029 0.09085 0.05833 0.01570  -0.02598 -0.01302 2   LEU A CA  
63  C C   . LEU A 2  ? 0.10250 0.07571 0.05519 0.00453  -0.01643 -0.01503 2   LEU A C   
64  O O   . LEU A 2  ? 0.09345 0.09598 0.05531 0.00974  -0.01655 -0.01961 2   LEU A O   
65  C CB  . LEU A 2  ? 0.11103 0.09194 0.05165 0.00457  -0.01873 -0.00923 2   LEU A CB  
66  C CG  . LEU A 2  ? 0.11708 0.11770 0.06116 0.00990  -0.02480 -0.01849 2   LEU A CG  
67  C CD1 . LEU A 2  ? 0.14037 0.14260 0.10281 0.01520  -0.06380 -0.03206 2   LEU A CD1 
68  C CD2 . LEU A 2  ? 0.13940 0.14862 0.07671 -0.00604 -0.02770 -0.03636 2   LEU A CD2 
80  N N   . AIB A 3  ? 0.10487 0.08164 0.05760 0.00563  -0.01458 -0.01046 3   AIB A N   
81  C CA  . AIB A 3  ? 0.09871 0.09052 0.06368 0.00120  -0.00943 -0.01016 3   AIB A CA  
82  C C   . AIB A 3  ? 0.09365 0.08083 0.06763 0.01158  -0.01633 -0.01559 3   AIB A C   
83  O O   . AIB A 3  ? 0.09886 0.09403 0.06664 0.00090  -0.01042 -0.00386 3   AIB A O   
84  C CB1 . AIB A 3  ? 0.11706 0.09777 0.07643 0.00134  -0.01533 -0.02297 3   AIB A CB1 
85  C CB2 . AIB A 3  ? 0.10596 0.09214 0.07466 0.00318  -0.01266 -0.00710 3   AIB A CB2 
93  N N   . ALA A 4  ? 0.09604 0.08949 0.05987 0.01023  -0.01704 -0.01596 4   ALA A N   
94  C CA  . ALA A 4  ? 0.10803 0.11742 0.05972 0.01384  -0.02523 -0.01858 4   ALA A CA  
95  C C   . ALA A 4  ? 0.10135 0.11918 0.05854 0.00837  -0.02048 -0.01934 4   ALA A C   
96  O O   . ALA A 4  ? 0.12299 0.14690 0.06368 0.01732  -0.01449 -0.00901 4   ALA A O   
97  C CB  . ALA A 4  ? 0.11085 0.14359 0.06528 0.01052  -0.03716 -0.02622 4   ALA A CB  
103 N N   . TRP A 5  ? 0.09192 0.09562 0.06476 0.00154  -0.01744 -0.02228 5   TRP A N   
104 C CA  . TRP A 5  ? 0.10981 0.08650 0.06790 0.00766  -0.01381 -0.02607 5   TRP A CA  
105 C C   . TRP A 5  ? 0.09910 0.07745 0.04824 0.00185  -0.01535 -0.01105 5   TRP A C   
106 O O   . TRP A 5  ? 0.09567 0.07974 0.05430 0.00314  -0.01369 -0.01802 5   TRP A O   
107 C CB  . TRP A 5  ? 0.11286 0.08108 0.08585 0.01153  -0.01105 -0.02094 5   TRP A CB  
108 C CG  . TRP A 5  ? 0.11381 0.06322 0.08526 0.00567  -0.00072 -0.00790 5   TRP A CG  
109 C CD1 . TRP A 5  ? 0.11687 0.08530 0.08738 0.01245  0.00482  -0.00489 5   TRP A CD1 
110 C CD2 . TRP A 5  ? 0.10681 0.05807 0.10691 0.00507  -0.00144 -0.01793 5   TRP A CD2 
111 N NE1 . TRP A 5  ? 0.10641 0.08828 0.09186 0.01411  0.01070  -0.00465 5   TRP A NE1 
112 C CE2 . TRP A 5  ? 0.09787 0.07213 0.11472 -0.00210 -0.00213 -0.00959 5   TRP A CE2 
113 C CE3 . TRP A 5  ? 0.15134 0.07845 0.10655 0.01797  -0.00792 -0.03009 5   TRP A CE3 
114 C CZ2 . TRP A 5  ? 0.11349 0.09835 0.11968 -0.01407 -0.00033 0.00128  5   TRP A CZ2 
115 C CZ3 . TRP A 5  ? 0.18623 0.08470 0.10328 -0.00341 0.00268  -0.02165 5   TRP A CZ3 
127 N N   . LEU A 6  ? 0.08970 0.08469 0.05436 0.00309  -0.01995 -0.02483 6   LEU A N   
128 C CA  . LEU A 6  ? 0.09779 0.08835 0.04941 0.00818  -0.02869 -0.02226 6   LEU A CA  
129 C C   . LEU A 6  ? 0.09403 0.08277 0.05306 -0.00086 -0.02620 -0.02220 6   LEU A C   
130 O O   . LEU A 6  ? 0.08951 0.09019 0.06198 -0.01223 -0.01906 -0.01651 6   LEU A O   
131 C CB  . LEU A 6  ? 0.10429 0.09075 0.05298 0.00303  -0.02717 -0.02598 6   LEU A CB  
132 C CG  . LEU A 6  ? 0.11014 0.11467 0.05607 0.00381  -0.02814 -0.02159 6   LEU A CG  
133 C CD1 . LEU A 6  ? 0.14978 0.12909 0.06190 0.01240  -0.03286 -0.02968 6   LEU A CD1 
134 C CD2 . LEU A 6  ? 0.14144 0.11256 0.05830 0.00177  -0.03602 -0.01883 6   LEU A CD2 
146 N N   . AIB A 7  ? 0.09167 0.07700 0.05107 -0.00184 -0.01989 -0.00781 7   AIB A N   
147 C CA  . AIB A 7  ? 0.09776 0.08795 0.06894 0.00332  -0.02246 -0.00986 7   AIB A CA  
148 C C   . AIB A 7  ? 0.09316 0.08423 0.06471 0.00120  -0.02217 0.00004  7   AIB A C   
149 O O   . AIB A 7  ? 0.11176 0.08919 0.07696 0.00177  -0.01807 0.00658  7   AIB A O   
150 C CB1 . AIB A 7  ? 0.11666 0.07001 0.08766 0.00494  -0.01504 -0.02435 7   AIB A CB1 
151 C CB2 . AIB A 7  ? 0.09456 0.10416 0.07502 0.00970  -0.02655 -0.01263 7   AIB A CB2 
159 N N   . GLN A 8  ? 0.10779 0.08610 0.06021 -0.00103 -0.01344 -0.01027 8   GLN A N   
160 C CA  . GLN A 8  ? 0.13798 0.09844 0.06107 -0.00072 -0.01817 -0.01210 8   GLN A CA  
161 C C   . GLN A 8  ? 0.11475 0.08397 0.06156 0.00738  -0.01504 -0.00180 8   GLN A C   
162 O O   . GLN A 8  ? 0.13066 0.08988 0.06525 0.01352  -0.00120 -0.00653 8   GLN A O   
163 C CB  . GLN A 8  ? 0.18217 0.12078 0.08053 -0.02454 -0.00370 -0.03777 8   GLN A CB  
164 C CG  . GLN A 8  ? 0.27683 0.19726 0.16075 -0.07282 -0.05025 -0.05849 8   GLN A CG  
165 C CD  . GLN A 8  ? 0.41101 0.29271 0.24158 -0.07998 -0.11518 -0.07493 8   GLN A CD  
166 O OE1 . GLN A 8  ? 0.43241 0.30517 0.26746 -0.08956 -0.13186 -0.07024 8   GLN A OE1 
167 N NE2 . GLN A 8  ? 0.47748 0.34037 0.27223 -0.08031 -0.13945 -0.08410 8   GLN A NE2 
175 N N   . AIB A 9  ? 0.08989 0.09053 0.07137 0.00794  -0.02138 0.00485  9   AIB A N   
176 C CA  . AIB A 9  ? 0.09926 0.10031 0.07681 0.01683  -0.01844 0.01112  9   AIB A CA  
177 C C   . AIB A 9  ? 0.10727 0.09831 0.05853 0.02058  -0.00916 0.00333  9   AIB A C   
178 O O   . AIB A 9  ? 0.10159 0.10688 0.07353 0.00735  -0.01375 -0.00540 9   AIB A O   
179 C CB1 . AIB A 9  ? 0.09956 0.09659 0.09502 0.01563  -0.00618 0.01186  9   AIB A CB1 
180 C CB2 . AIB A 9  ? 0.10700 0.13714 0.08108 0.00689  -0.02984 0.01626  9   AIB A CB2 
187 N N   . LEU A 10 ? 0.10900 0.08845 0.05972 0.02302  -0.01424 0.00025  10  LEU A N   
188 C CA  . LEU A 10 ? 0.10760 0.08621 0.06577 0.01454  -0.00909 -0.00915 10  LEU A CA  
189 C C   . LEU A 10 ? 0.15425 0.09411 0.06290 0.01543  -0.00913 -0.01112 10  LEU A C   
190 O O   . LEU A 10 ? 0.22035 0.09254 0.06835 0.00488  -0.01200 -0.00468 10  LEU A O   
191 C CB  . LEU A 10 ? 0.10525 0.08879 0.07523 0.00822  -0.02356 -0.01778 10  LEU A CB  
192 C CG  . LEU A 10 ? 0.11067 0.10482 0.07912 0.00591  -0.02362 -0.02722 10  LEU A CG  
193 C CD1 . LEU A 10 ? 0.12040 0.11437 0.07974 0.01305  -0.01449 -0.04130 10  LEU A CD1 
194 C CD2 . LEU A 10 ? 0.11265 0.15321 0.09182 -0.00400 -0.02500 -0.03816 10  LEU A CD2 
205 C C11 . I77 A 11 ? 0.21918 0.10883 0.06766 -0.00002 -0.03178 -0.01437 11  I77 A C11 
206 C C12 . I77 A 11 ? 0.18627 0.07734 0.07203 0.01620  -0.03598 -0.00871 11  I77 A C12 
207 C C13 . I77 A 11 ? 0.15286 0.07678 0.07777 0.00578  -0.03101 -0.00868 11  I77 A C13 
208 C C17 . I77 A 11 ? 0.17108 0.11784 0.05960 0.04113  -0.02442 -0.01241 11  I77 A C17 
209 C C18 . I77 A 11 ? 0.18964 0.10759 0.06202 0.04243  -0.02854 -0.01704 11  I77 A C18 
210 C C02 . I77 A 11 ? 0.24843 0.11554 0.10319 0.02532  -0.06486 -0.02744 11  I77 A C02 
211 C C03 . I77 A 11 ? 0.25263 0.09977 0.10032 0.03835  -0.06420 -0.02364 11  I77 A C03 
212 C C04 . I77 A 11 ? 0.23584 0.11118 0.09242 0.04915  -0.05629 -0.01943 11  I77 A C04 
213 C C05 . I77 A 11 ? 0.23157 0.10794 0.10591 0.05218  -0.07093 -0.02535 11  I77 A C05 
214 C C06 . I77 A 11 ? 0.27253 0.13319 0.10342 0.02972  -0.05448 -0.03490 11  I77 A C06 
215 C C08 . I77 A 11 ? 0.22613 0.09232 0.08060 0.04777  -0.03914 -0.02178 11  I77 A C08 
216 C C09 . I77 A 11 ? 0.21600 0.08595 0.06788 0.02915  -0.03002 -0.01541 11  I77 A C09 
217 N N01 . I77 A 11 ? 0.23520 0.15156 0.08431 -0.00853 -0.04709 -0.01833 11  I77 A N01 
218 N N07 . I77 A 11 ? 0.27780 0.15289 0.10227 0.03200  -0.05290 -0.03731 11  I77 A N07 
219 N N10 . I77 A 11 ? 0.22751 0.10762 0.07949 0.00026  -0.03436 -0.02271 11  I77 A N10 
220 N N14 . I77 A 11 ? 0.13757 0.09705 0.07166 -0.00388 -0.02008 -0.00949 11  I77 A N14 
221 N N15 . I77 A 11 ? 0.12729 0.10444 0.05748 0.01538  -0.00894 -0.01765 11  I77 A N15 
222 O O16 . I77 A 11 ? 0.13945 0.10370 0.09227 0.00369  -0.02579 -0.01859 11  I77 A O16 
223 O O19 . I77 A 11 ? 0.25067 0.14115 0.12409 0.05054  -0.07800 -0.03879 11  I77 A O19 
234 C C05 . I6W B 1  ? 0.15800 0.07779 0.11391 0.02573  -0.04085 0.00515  1   I6W B C05 
235 C C08 . I6W B 1  ? 0.18315 0.10251 0.10220 0.03397  -0.02903 -0.00284 1   I6W B C08 
236 C C09 . I6W B 1  ? 0.26364 0.15738 0.10204 0.04297  -0.04075 -0.00880 1   I6W B C09 
237 N N10 . I6W B 1  ? 0.30860 0.27075 0.12441 0.06571  -0.05137 -0.05064 1   I6W B N10 
238 C C02 . I6W B 1  ? 0.11949 0.08354 0.09110 0.02243  -0.00932 0.00526  1   I6W B C02 
239 C C03 . I6W B 1  ? 0.12713 0.07536 0.08862 0.01371  -0.01067 0.00900  1   I6W B C03 
240 C C04 . I6W B 1  ? 0.12394 0.09307 0.11267 0.02197  -0.02739 -0.00014 1   I6W B C04 
241 C C06 . I6W B 1  ? 0.14420 0.08322 0.08655 -0.00121 -0.00859 0.00627  1   I6W B C06 
242 C C11 . I6W B 1  ? 0.33342 0.32788 0.14316 0.07478  -0.06468 -0.06827 1   I6W B C11 
243 C C12 . I6W B 1  ? 0.34830 0.33145 0.14357 0.07942  -0.06203 -0.07130 1   I6W B C12 
244 C C13 . I6W B 1  ? 0.38011 0.42656 0.17901 0.08590  -0.05533 -0.11132 1   I6W B C13 
245 C C15 . I6W B 1  ? 0.41935 0.45678 0.20979 0.08428  -0.04981 -0.14073 1   I6W B C15 
246 C C16 . I6W B 1  ? 0.42266 0.45376 0.21721 0.08322  -0.05158 -0.14687 1   I6W B C16 
247 C C18 . I6W B 1  ? 0.32290 0.21888 0.10937 0.07409  -0.05468 -0.03034 1   I6W B C18 
248 C C19 . I6W B 1  ? 0.30124 0.14113 0.09490 0.05510  -0.04803 -0.00335 1   I6W B C19 
249 N N07 . I6W B 1  ? 0.16638 0.10549 0.09761 0.00979  -0.02416 -0.00241 1   I6W B N07 
250 O O01 . I6W B 1  ? 0.10438 0.10744 0.09693 0.00471  -0.00195 0.01647  1   I6W B O01 
251 O O14 . I6W B 1  ? 0.40916 0.45227 0.19671 0.08316  -0.05184 -0.12866 1   I6W B O14 
252 O O17 . I6W B 1  ? 0.37794 0.45883 0.19609 0.09193  -0.05402 -0.12788 1   I6W B O17 
264 N N   . LEU B 2  ? 0.10945 0.07854 0.08788 0.00549  0.00370  -0.00456 2   LEU B N   
265 C CA  . LEU B 2  ? 0.10597 0.07622 0.09054 0.01537  -0.00142 -0.01226 2   LEU B CA  
266 C C   . LEU B 2  ? 0.10304 0.06299 0.09514 0.00452  -0.00351 -0.00957 2   LEU B C   
267 O O   . LEU B 2  ? 0.09212 0.08176 0.08878 -0.00007 0.00915  -0.01466 2   LEU B O   
268 C CB  . LEU B 2  ? 0.11251 0.07808 0.08959 0.01266  -0.00018 -0.01218 2   LEU B CB  
269 C CG  . LEU B 2  ? 0.13403 0.10053 0.10676 -0.00798 -0.00088 -0.01667 2   LEU B CG  
270 C CD1 . LEU B 2  ? 0.12681 0.11016 0.13184 0.00600  -0.00193 -0.03930 2   LEU B CD1 
271 C CD2 . LEU B 2  ? 0.14320 0.11797 0.10607 0.00345  0.00174  -0.02618 2   LEU B CD2 
283 N N   . AIB B 3  ? 0.09499 0.07099 0.08701 0.00112  0.00455  -0.00286 3   AIB B N   
284 C CA  . AIB B 3  ? 0.09803 0.07724 0.07645 -0.00277 -0.00314 -0.01257 3   AIB B CA  
285 C C   . AIB B 3  ? 0.08582 0.08167 0.06938 -0.00058 -0.00558 -0.01107 3   AIB B C   
286 O O   . AIB B 3  ? 0.10097 0.08448 0.06608 0.00066  -0.00759 -0.00929 3   AIB B O   
287 C CB1 . AIB B 3  ? 0.09956 0.08783 0.07461 -0.00916 -0.01247 -0.00925 3   AIB B CB1 
288 C CB2 . AIB B 3  ? 0.08401 0.07182 0.08035 0.00607  -0.00815 -0.00995 3   AIB B CB2 
296 N N   . ALA B 4  ? 0.10852 0.08117 0.06409 0.00556  -0.01177 -0.01069 4   ALA B N   
297 C CA  . ALA B 4  ? 0.10274 0.08890 0.08401 0.00315  -0.01398 -0.01542 4   ALA B CA  
298 C C   . ALA B 4  ? 0.11523 0.07609 0.08417 -0.00184 -0.00720 -0.00880 4   ALA B C   
299 O O   . ALA B 4  ? 0.11239 0.09346 0.09376 -0.00726 -0.00267 -0.01256 4   ALA B O   
300 C CB  . ALA B 4  ? 0.10175 0.10523 0.07998 -0.00020 -0.01302 -0.01527 4   ALA B CB  
306 N N   . TRP B 5  ? 0.09759 0.08816 0.08553 0.00939  0.00207  -0.01102 5   TRP B N   
307 C CA  . TRP B 5  ? 0.10056 0.09022 0.09532 0.00846  -0.00498 -0.01535 5   TRP B CA  
308 C C   . TRP B 5  ? 0.10054 0.07414 0.09103 0.01224  0.00190  -0.01285 5   TRP B C   
309 O O   . TRP B 5  ? 0.09074 0.08525 0.10465 0.01051  0.00246  -0.01671 5   TRP B O   
310 C CB  . TRP B 5  ? 0.10523 0.08596 0.09068 0.01849  -0.01328 -0.00776 5   TRP B CB  
311 C CG  . TRP B 5  ? 0.09125 0.07891 0.08929 0.01767  -0.01555 -0.00517 5   TRP B CG  
312 C CD1 . TRP B 5  ? 0.10604 0.08293 0.09476 0.01378  -0.02575 -0.01095 5   TRP B CD1 
313 C CD2 . TRP B 5  ? 0.09740 0.08300 0.08893 0.00978  -0.00730 0.00619  5   TRP B CD2 
314 N NE1 . TRP B 5  ? 0.10309 0.09869 0.08259 0.01904  -0.01773 -0.00069 5   TRP B NE1 
315 C CE2 . TRP B 5  ? 0.11374 0.08746 0.08166 0.00809  0.00133  0.01149  5   TRP B CE2 
316 C CE3 . TRP B 5  ? 0.11924 0.13156 0.10678 0.02066  -0.01248 -0.00716 5   TRP B CE3 
317 C CZ2 . TRP B 5  ? 0.12914 0.11879 0.12070 0.02304  0.00527  -0.00163 5   TRP B CZ2 
318 C CZ3 . TRP B 5  ? 0.14005 0.17492 0.14209 0.02330  -0.01752 -0.01107 5   TRP B CZ3 
330 N N   A LEU B 6  ? 0.09146 0.07911 0.08868 0.00040  0.00466  -0.01377 6   LEU B N   
331 N N   B LEU B 6  ? 0.09593 0.07950 0.08768 0.00530  0.00381  -0.01596 6   LEU B N   
332 C CA  A LEU B 6  ? 0.08199 0.10214 0.09918 0.00193  -0.00971 -0.02777 6   LEU B CA  
333 C CA  B LEU B 6  ? 0.09606 0.09699 0.09283 0.00818  -0.00903 -0.02658 6   LEU B CA  
334 C C   A LEU B 6  ? 0.08105 0.10274 0.07737 -0.00268 -0.00593 -0.01339 6   LEU B C   
335 C C   B LEU B 6  ? 0.08846 0.09857 0.07843 0.00230  -0.00450 -0.01585 6   LEU B C   
336 O O   A LEU B 6  ? 0.08821 0.12307 0.07166 0.00093  -0.01521 -0.01224 6   LEU B O   
337 O O   B LEU B 6  ? 0.09424 0.11307 0.07526 0.00616  -0.00990 -0.01669 6   LEU B O   
338 C CB  A LEU B 6  ? 0.08351 0.13874 0.11423 -0.00491 -0.01157 -0.04519 6   LEU B CB  
339 C CB  B LEU B 6  ? 0.11447 0.12764 0.09886 0.00755  -0.01752 -0.03706 6   LEU B CB  
340 C CG  A LEU B 6  ? 0.09354 0.14731 0.10819 -0.01869 -0.01256 -0.04323 6   LEU B CG  
341 C CG  B LEU B 6  ? 0.11019 0.12117 0.08551 0.00580  -0.01580 -0.03053 6   LEU B CG  
342 C CD1 A LEU B 6  ? 0.10073 0.16437 0.10846 -0.00838 -0.01448 -0.05641 6   LEU B CD1 
343 C CD1 B LEU B 6  ? 0.10248 0.12454 0.06857 0.01996  -0.01684 -0.02219 6   LEU B CD1 
344 C CD2 A LEU B 6  ? 0.10682 0.15196 0.11707 -0.01398 -0.02435 -0.05014 6   LEU B CD2 
345 C CD2 B LEU B 6  ? 0.12025 0.12677 0.09825 0.00777  -0.02773 -0.03727 6   LEU B CD2 
368 N N   . AIB B 7  ? 0.09355 0.08806 0.08282 -0.00374 -0.00435 -0.00962 7   AIB B N   
369 C CA  . AIB B 7  ? 0.10073 0.09536 0.08452 -0.00064 -0.00520 -0.00615 7   AIB B CA  
370 C C   . AIB B 7  ? 0.09910 0.08717 0.07362 0.00393  -0.00536 -0.01385 7   AIB B C   
371 O O   . AIB B 7  ? 0.10908 0.07970 0.07469 -0.00439 -0.00541 -0.00602 7   AIB B O   
372 C CB1 . AIB B 7  ? 0.10395 0.11698 0.09096 0.01089  -0.02284 0.00218  7   AIB B CB1 
373 C CB2 . AIB B 7  ? 0.10993 0.09080 0.09798 -0.00496 0.00889  -0.01344 7   AIB B CB2 
381 N N   . GLN B 8  ? 0.09847 0.09587 0.07119 -0.01213 -0.02131 0.00094  8   GLN B N   
382 C CA  . GLN B 8  ? 0.11947 0.10305 0.07751 -0.00904 -0.04098 0.00436  8   GLN B CA  
383 C C   . GLN B 8  ? 0.10371 0.09106 0.06983 0.00877  -0.02851 0.00514  8   GLN B C   
384 O O   . GLN B 8  ? 0.08958 0.12791 0.08643 0.00011  -0.02988 0.00520  8   GLN B O   
385 C CB  . GLN B 8  ? 0.13647 0.14553 0.07954 -0.00972 -0.05458 0.01769  8   GLN B CB  
386 C CG  . GLN B 8  ? 0.19607 0.22413 0.09835 -0.02509 -0.06666 0.01331  8   GLN B CG  
387 C CD  . GLN B 8  ? 0.29480 0.26524 0.14164 -0.05283 -0.09785 0.02227  8   GLN B CD  
388 O OE1 . GLN B 8  ? 0.35530 0.26297 0.16790 -0.07630 -0.11549 0.02366  8   GLN B OE1 
389 N NE2 . GLN B 8  ? 0.31650 0.28159 0.16170 -0.05742 -0.11242 0.02708  8   GLN B NE2 
398 N N   . AIB B 9  ? 0.09689 0.07733 0.07410 0.00212  -0.01322 0.00079  9   AIB B N   
399 C CA  . AIB B 9  ? 0.09978 0.09073 0.07804 0.00383  -0.00230 -0.00632 9   AIB B CA  
400 C C   . AIB B 9  ? 0.08516 0.08412 0.07472 0.00547  0.00146  -0.00805 9   AIB B C   
401 O O   . AIB B 9  ? 0.11142 0.09512 0.08600 0.00240  -0.00043 -0.00461 9   AIB B O   
402 C CB1 . AIB B 9  ? 0.10542 0.08414 0.09555 0.00597  -0.00838 -0.00720 9   AIB B CB1 
403 C CB2 . AIB B 9  ? 0.10526 0.09666 0.07901 0.00092  -0.02308 -0.00415 9   AIB B CB2 
411 N N   . LEU B 10 ? 0.08942 0.07054 0.07157 0.00090  -0.00478 -0.01413 10  LEU B N   
412 C CA  . LEU B 10 ? 0.09322 0.07765 0.06510 -0.00616 -0.00839 -0.01185 10  LEU B CA  
413 C C   . LEU B 10 ? 0.10122 0.08497 0.06032 0.00546  -0.01704 -0.01688 10  LEU B C   
414 O O   . LEU B 10 ? 0.11269 0.08206 0.08157 0.00068  -0.02835 -0.02267 10  LEU B O   
415 C CB  . LEU B 10 ? 0.09345 0.07133 0.06719 0.00611  -0.01898 -0.01107 10  LEU B CB  
416 C CG  . LEU B 10 ? 0.11586 0.07499 0.08216 0.01033  -0.02878 -0.01683 10  LEU B CG  
417 C CD1 . LEU B 10 ? 0.13344 0.09512 0.09903 0.00873  -0.03709 -0.01734 10  LEU B CD1 
418 C CD2 . LEU B 10 ? 0.16363 0.10647 0.07306 0.02641  -0.02510 -0.02960 10  LEU B CD2 
430 C C11 . I77 B 11 ? 0.11469 0.11514 0.05782 -0.00023 -0.02253 -0.01836 11  I77 B C11 
431 C C12 . I77 B 11 ? 0.10838 0.08348 0.06054 0.00957  -0.02234 -0.01421 11  I77 B C12 
432 C C13 . I77 B 11 ? 0.11581 0.07701 0.06072 0.01327  -0.02994 -0.01763 11  I77 B C13 
433 C C17 . I77 B 11 ? 0.10260 0.15007 0.06719 -0.01181 -0.01396 -0.02505 11  I77 B C17 
434 C C18 . I77 B 11 ? 0.10183 0.14126 0.06257 -0.00739 -0.01125 -0.02341 11  I77 B C18 
435 C C02 . I77 B 11 ? 0.12664 0.08137 0.08549 0.02350  -0.03902 -0.02809 11  I77 B C02 
436 C C03 . I77 B 11 ? 0.13055 0.07116 0.06535 0.02443  -0.03456 -0.02389 11  I77 B C03 
437 C C04 . I77 B 11 ? 0.12466 0.08510 0.05720 0.00755  -0.02763 -0.01959 11  I77 B C04 
438 C C05 . I77 B 11 ? 0.10134 0.07533 0.05273 0.01015  -0.01950 -0.01625 11  I77 B C05 
439 C C06 . I77 B 11 ? 0.14083 0.09864 0.07586 -0.00260 -0.03163 -0.03522 11  I77 B C06 
440 C C08 . I77 B 11 ? 0.12125 0.07128 0.07043 0.01675  -0.02724 -0.02076 11  I77 B C08 
441 C C09 . I77 B 11 ? 0.11415 0.08067 0.06407 0.00988  -0.02027 -0.01599 11  I77 B C09 
442 N N01 . I77 B 11 ? 0.12761 0.08962 0.09595 0.00612  -0.03462 -0.02259 11  I77 B N01 
443 N N07 . I77 B 11 ? 0.13397 0.12175 0.07635 -0.00460 -0.02418 -0.03353 11  I77 B N07 
444 N N10 . I77 B 11 ? 0.13080 0.11664 0.06746 -0.00859 -0.02259 -0.01909 11  I77 B N10 
445 N N14 . I77 B 11 ? 0.10716 0.10786 0.06205 0.00198  -0.02700 -0.01314 11  I77 B N14 
446 N N15 . I77 B 11 ? 0.09518 0.10510 0.06512 -0.01137 -0.02747 -0.00882 11  I77 B N15 
447 O O16 . I77 B 11 ? 0.12779 0.11096 0.05691 0.02473  -0.02940 -0.02711 11  I77 B O16 
448 O O19 . I77 B 11 ? 0.12950 0.10969 0.08201 0.00859  -0.04289 -0.03410 11  I77 B O19 
459 O O   . HOH C .  ? 0.15427 0.35673 0.14216 -0.03645 -0.00750 -0.08111 101 HOH A O   
460 O O   . HOH C .  ? 0.11702 0.10712 0.10614 -0.00529 -0.02085 0.00073  102 HOH A O   
461 O O   . HOH C .  ? 0.12650 0.10855 0.11852 0.00796  -0.03109 -0.00442 103 HOH A O   
462 O O   . HOH C .  ? 0.18454 0.17729 0.10730 0.01100  -0.02027 -0.00915 104 HOH A O   
463 O O   . HOH C .  ? 0.21342 0.21930 0.12016 0.07379  -0.00970 0.00225  105 HOH A O   
464 O O   . HOH C .  ? 0.09727 0.08999 0.06753 0.00596  -0.02090 -0.01689 106 HOH A O   
465 O O   . HOH C .  ? 0.27067 0.14785 0.14890 0.05431  -0.04555 -0.01973 107 HOH A O   
466 O O   . HOH C .  ? 0.18194 0.38830 0.18834 -0.06077 0.02642  -0.09213 108 HOH A O   
467 O O   . HOH C .  ? 0.22083 0.38726 0.49284 0.03019  -0.04535 -0.16810 109 HOH A O   
468 O O   . HOH C .  ? 0.62068 0.54949 0.28080 -0.10538 0.18573  0.02644  110 HOH A O   
469 O O   . HOH C .  ? 0.12612 0.13861 0.12032 -0.00325 -0.02764 -0.00027 111 HOH A O   
470 O O   . HOH C .  ? 0.49424 0.51841 0.30927 -0.07794 -0.15940 -0.01899 112 HOH A O   
471 O O   . HOH C .  ? 0.47880 0.39627 0.50165 0.23012  -0.03227 -0.01631 113 HOH A O   
472 O O   . HOH D .  ? 0.18596 0.11146 0.10090 -0.00541 0.00744  -0.02584 101 HOH B O   
473 O O   . HOH D .  ? 0.13931 0.43657 0.11910 0.01256  0.00661  -0.00528 102 HOH B O   
474 O O   . HOH D .  ? 0.44839 0.27156 0.21915 -0.18643 0.06951  -0.06378 103 HOH B O   
475 O O   . HOH D .  ? 0.33153 0.37596 0.94893 -0.00511 -0.07897 -0.15072 104 HOH B O   
476 O O   . HOH D .  ? 0.73978 0.44751 0.29204 -0.31439 0.14779  -0.09458 105 HOH B O   
477 O O   . HOH D .  ? 0.24125 0.62443 0.54029 -0.04054 -0.05550 -0.17242 106 HOH B O   
478 O O   . HOH D .  ? 0.48059 0.89587 0.24215 0.13343  -0.04122 -0.00129 107 HOH B O   
479 O O   . HOH D .  ? 0.21536 0.35444 0.17595 -0.07248 0.00696  -0.11847 108 HOH B O   
480 O O   . HOH D .  ? 0.80744 0.38553 0.39268 0.04211  -0.01083 -0.01857 109 HOH B O   
# 
